data_8T23
#
_entry.id   8T23
#
_cell.length_a   1.00
_cell.length_b   1.00
_cell.length_c   1.00
_cell.angle_alpha   90.00
_cell.angle_beta   90.00
_cell.angle_gamma   90.00
#
_symmetry.space_group_name_H-M   'P 1'
#
loop_
_entity.id
_entity.type
_entity.pdbx_description
1 polymer 'Angiotensin-converting enzyme'
2 polymer 'Spike glycoprotein'
3 branched 2-acetamido-2-deoxy-beta-D-glucopyranose-(1-4)-2-acetamido-2-deoxy-beta-D-glucopyranose
4 branched alpha-L-fucopyranose-(1-6)-2-acetamido-2-deoxy-beta-D-glucopyranose
5 non-polymer 2-acetamido-2-deoxy-beta-D-glucopyranose
#
loop_
_entity_poly.entity_id
_entity_poly.type
_entity_poly.pdbx_seq_one_letter_code
_entity_poly.pdbx_strand_id
1 'polypeptide(L)'
;MLGSSWLLLSLAALTAAQSTTEDLAKTFLEKFNYEAEELSYQNSLASWNYNTNITDENIQKMNIAGAKWSAFYEEESQHA
KTYPLEEIQDPIIKRQLRALQQSGSSVLSADKRERLNTILNAMSTIYSTGKACNPNNPQECLLLEPGLDDIMENSKDYNE
RLWAWEGWRSEVGKQLRPLYEEYVALKNEMARANNYEDYGDYWRGDYEEEWADGYNYSRNQLIEDVEHTFTQIKPLYEHL
HAYVRAKLMDAYPSRISPTGCLPAHLLGDMWGRFWTNLYPLMVPFGQKPNIDVTDAMVNQSWDARRIFKEAEKFFVSVGL
PNMTEGFWQNSMLTEPGDNRKVVCHPTAWDLGKHDFRIKMCTKVTMDDFLTAHHEMGHIQYDMAYAAQPFLLRNGANEGF
HEAVGEIMSLSAATPNHLKNIGLLPPDFSEDSETDINFLLKQALTIVGTLPFTYMLEKWRWMVFKGEIPKEQWMQKWWEM
KRDIVGVVEPLPHDETYCDPAALFHVANDYSFIRYYTRTIYQFQFQEALCQIAKHEGPLYKCDISNSREAGQKLHEMLSL
GRSKPWTFALERVVGAKTMDVRPLLNYFEPLFTWLKEQNRNSFVGWNTDWSPYADQSIKVRISLKSALGEKAYEWNDNEM
YFFQSSIAYAMREYFSKVKKQTIPFVDKDVRVSDLKPRISFNFIVTSPENMSDIIPRADVEEAIRKSRGRINDAFRLDDN
SLEFLGIQPTLEPPYQPPVGSGSGSGHHHHHHGSGSGLNDIFEAQKIEWHE
;
A
2 'polypeptide(L)'
;QPTESIVRFPNITNLCPFGEVFNATRFASVYAWNRKRISNCVADYSVLYNSASFSTFKCYGVSPTKLNDLCFTNVYADSF
VIRGDEVRQIAPGQTGKIADYNYKLPDDFTGCVIAWNSNNLDSKVGGNYNYLFRLFRKSNLKPFERDISTEIYQAGSTPC
NGVEGFNCYFPLQSYGFQPTNGVGYQPYRVVVLSFELLHAPATVCGPK
;
B
#
# COMPACT_ATOMS: atom_id res chain seq x y z
N SER A 19 -10.85 31.82 -23.54
CA SER A 19 -9.48 32.28 -23.77
C SER A 19 -8.67 32.25 -22.49
N THR A 20 -8.65 31.09 -21.83
CA THR A 20 -7.89 30.90 -20.60
C THR A 20 -7.05 29.63 -20.68
N THR A 21 -5.90 29.66 -20.01
CA THR A 21 -4.98 28.53 -20.07
C THR A 21 -5.45 27.38 -19.19
N GLU A 22 -6.32 27.66 -18.22
CA GLU A 22 -6.78 26.62 -17.30
C GLU A 22 -7.45 25.48 -18.06
N ASP A 23 -8.58 25.76 -18.73
CA ASP A 23 -9.27 24.73 -19.47
C ASP A 23 -8.46 24.28 -20.69
N LEU A 24 -7.56 25.14 -21.17
CA LEU A 24 -6.67 24.74 -22.26
C LEU A 24 -5.76 23.58 -21.85
N ALA A 25 -5.25 23.60 -20.62
CA ALA A 25 -4.33 22.56 -20.18
C ALA A 25 -5.03 21.43 -19.42
N LYS A 26 -6.28 21.67 -18.96
CA LYS A 26 -6.96 20.65 -18.17
C LYS A 26 -7.20 19.38 -18.97
N THR A 27 -7.68 19.51 -20.21
CA THR A 27 -8.03 18.34 -21.01
C THR A 27 -6.81 17.44 -21.22
N PHE A 28 -5.62 18.03 -21.35
CA PHE A 28 -4.40 17.25 -21.47
C PHE A 28 -4.23 16.32 -20.27
N LEU A 29 -4.57 16.80 -19.08
CA LEU A 29 -4.51 15.97 -17.90
C LEU A 29 -5.62 14.92 -17.91
N GLU A 30 -6.85 15.33 -18.23
CA GLU A 30 -8.00 14.44 -18.10
C GLU A 30 -7.95 13.25 -19.07
N LYS A 31 -7.56 13.48 -20.33
CA LYS A 31 -7.61 12.37 -21.27
C LYS A 31 -6.64 11.26 -20.87
N PHE A 32 -5.43 11.63 -20.45
CA PHE A 32 -4.48 10.62 -20.00
C PHE A 32 -4.86 10.01 -18.66
N ASN A 33 -5.50 10.78 -17.78
CA ASN A 33 -6.04 10.18 -16.56
C ASN A 33 -7.13 9.15 -16.84
N TYR A 34 -7.89 9.33 -17.91
CA TYR A 34 -8.81 8.28 -18.36
C TYR A 34 -8.09 7.14 -19.08
N GLU A 35 -7.01 7.45 -19.78
CA GLU A 35 -6.33 6.47 -20.64
C GLU A 35 -5.49 5.47 -19.86
N ALA A 36 -4.82 5.90 -18.79
CA ALA A 36 -3.81 5.06 -18.15
C ALA A 36 -4.38 3.79 -17.51
N GLU A 37 -5.70 3.71 -17.35
CA GLU A 37 -6.30 2.57 -16.65
C GLU A 37 -6.03 1.25 -17.35
N GLU A 38 -6.15 1.23 -18.69
CA GLU A 38 -5.95 -0.02 -19.41
C GLU A 38 -4.51 -0.52 -19.29
N LEU A 39 -3.55 0.40 -19.38
CA LEU A 39 -2.15 0.01 -19.21
C LEU A 39 -1.90 -0.53 -17.81
N SER A 40 -2.43 0.16 -16.79
CA SER A 40 -2.26 -0.31 -15.42
C SER A 40 -2.85 -1.70 -15.24
N TYR A 41 -4.06 -1.91 -15.75
CA TYR A 41 -4.73 -3.20 -15.62
C TYR A 41 -3.94 -4.31 -16.31
N GLN A 42 -3.50 -4.04 -17.55
CA GLN A 42 -2.74 -5.05 -18.29
C GLN A 42 -1.45 -5.41 -17.58
N ASN A 43 -0.73 -4.40 -17.07
CA ASN A 43 0.50 -4.68 -16.35
C ASN A 43 0.22 -5.48 -15.07
N SER A 44 -0.92 -5.23 -14.43
CA SER A 44 -1.26 -5.98 -13.22
C SER A 44 -1.48 -7.45 -13.55
N LEU A 45 -2.27 -7.75 -14.59
CA LEU A 45 -2.46 -9.16 -14.90
C LEU A 45 -1.15 -9.81 -15.35
N ALA A 46 -0.31 -9.07 -16.07
CA ALA A 46 0.97 -9.64 -16.49
C ALA A 46 1.82 -10.00 -15.27
N SER A 47 1.90 -9.09 -14.30
CA SER A 47 2.69 -9.35 -13.09
C SER A 47 2.15 -10.55 -12.32
N TRP A 48 0.82 -10.61 -12.16
CA TRP A 48 0.23 -11.74 -11.44
C TRP A 48 0.50 -13.06 -12.17
N ASN A 49 0.34 -13.06 -13.49
CA ASN A 49 0.59 -14.28 -14.26
C ASN A 49 2.04 -14.72 -14.12
N TYR A 50 2.96 -13.76 -14.07
CA TYR A 50 4.36 -14.15 -13.96
C TYR A 50 4.67 -14.75 -12.60
N ASN A 51 4.34 -14.06 -11.51
CA ASN A 51 4.77 -14.64 -10.22
C ASN A 51 3.89 -15.80 -9.80
N THR A 52 2.79 -16.07 -10.51
CA THR A 52 2.03 -17.30 -10.32
C THR A 52 2.47 -18.40 -11.29
N ASN A 53 2.57 -18.08 -12.57
CA ASN A 53 3.01 -19.00 -13.61
C ASN A 53 4.37 -18.53 -14.12
N ILE A 54 5.44 -19.11 -13.59
CA ILE A 54 6.81 -18.76 -13.99
C ILE A 54 7.21 -19.66 -15.15
N THR A 55 7.19 -19.10 -16.36
CA THR A 55 7.65 -19.80 -17.56
C THR A 55 8.56 -18.86 -18.33
N ASP A 56 9.40 -19.45 -19.20
CA ASP A 56 10.30 -18.65 -20.03
C ASP A 56 9.53 -17.62 -20.85
N GLU A 57 8.27 -17.90 -21.17
CA GLU A 57 7.41 -16.90 -21.80
C GLU A 57 7.08 -15.75 -20.84
N ASN A 58 7.25 -15.96 -19.54
CA ASN A 58 6.82 -14.98 -18.55
C ASN A 58 7.97 -14.28 -17.82
N ILE A 59 9.20 -14.79 -17.92
CA ILE A 59 10.33 -14.19 -17.19
C ILE A 59 10.54 -12.72 -17.50
N GLN A 60 10.03 -12.23 -18.63
CA GLN A 60 10.17 -10.82 -19.01
C GLN A 60 8.80 -10.21 -19.27
N LYS A 61 8.24 -9.55 -18.24
CA LYS A 61 6.94 -8.92 -18.40
C LYS A 61 7.03 -7.40 -18.34
N MET A 62 7.87 -6.86 -17.44
CA MET A 62 7.79 -5.44 -17.12
C MET A 62 8.26 -4.58 -18.28
N ASN A 63 9.41 -4.89 -18.85
CA ASN A 63 10.00 -4.03 -19.87
C ASN A 63 9.13 -3.93 -21.10
N ILE A 64 8.34 -4.97 -21.41
CA ILE A 64 7.47 -4.95 -22.56
C ILE A 64 6.05 -4.48 -22.25
N ALA A 65 5.54 -4.74 -21.04
CA ALA A 65 4.20 -4.26 -20.69
C ALA A 65 4.20 -2.77 -20.41
N GLY A 66 5.21 -2.26 -19.69
CA GLY A 66 5.28 -0.86 -19.39
C GLY A 66 5.98 -0.02 -20.43
N ALA A 67 6.30 -0.58 -21.60
CA ALA A 67 6.91 0.22 -22.66
C ALA A 67 5.95 1.32 -23.13
N LYS A 68 4.68 0.96 -23.34
CA LYS A 68 3.69 1.96 -23.72
C LYS A 68 3.49 3.00 -22.62
N TRP A 69 3.49 2.55 -21.36
CA TRP A 69 3.36 3.49 -20.24
C TRP A 69 4.54 4.46 -20.19
N SER A 70 5.76 3.95 -20.42
CA SER A 70 6.93 4.81 -20.40
C SER A 70 6.89 5.79 -21.56
N ALA A 71 6.46 5.34 -22.74
CA ALA A 71 6.31 6.26 -23.86
C ALA A 71 5.30 7.36 -23.54
N PHE A 72 4.13 6.98 -23.01
CA PHE A 72 3.13 7.95 -22.59
C PHE A 72 3.72 8.95 -21.60
N TYR A 73 4.37 8.44 -20.55
CA TYR A 73 4.89 9.29 -19.50
C TYR A 73 5.93 10.27 -20.04
N GLU A 74 6.86 9.77 -20.85
CA GLU A 74 7.93 10.62 -21.36
C GLU A 74 7.38 11.68 -22.31
N GLU A 75 6.50 11.29 -23.23
CA GLU A 75 5.97 12.26 -24.19
C GLU A 75 5.12 13.32 -23.49
N GLU A 76 4.30 12.92 -22.51
CA GLU A 76 3.51 13.93 -21.81
C GLU A 76 4.37 14.77 -20.89
N SER A 77 5.49 14.22 -20.40
CA SER A 77 6.40 15.01 -19.59
C SER A 77 7.09 16.07 -20.42
N GLN A 78 7.52 15.73 -21.64
CA GLN A 78 8.09 16.75 -22.52
C GLN A 78 7.02 17.74 -22.97
N HIS A 79 5.77 17.29 -23.08
CA HIS A 79 4.69 18.22 -23.41
C HIS A 79 4.49 19.25 -22.30
N ALA A 80 4.34 18.78 -21.05
CA ALA A 80 4.02 19.69 -19.95
C ALA A 80 5.23 20.49 -19.48
N LYS A 81 6.44 19.95 -19.66
CA LYS A 81 7.63 20.58 -19.08
C LYS A 81 7.99 21.86 -19.82
N THR A 82 8.17 21.78 -21.14
CA THR A 82 8.67 22.91 -21.91
C THR A 82 7.76 24.13 -21.82
N TYR A 83 6.45 23.94 -21.79
CA TYR A 83 5.54 25.06 -21.57
C TYR A 83 4.92 24.93 -20.18
N PRO A 84 5.30 25.76 -19.22
CA PRO A 84 4.82 25.62 -17.85
C PRO A 84 3.40 26.19 -17.70
N LEU A 85 2.96 26.24 -16.44
CA LEU A 85 1.61 26.67 -16.06
C LEU A 85 1.66 27.81 -15.06
N GLU A 86 2.41 28.88 -15.37
CA GLU A 86 2.69 29.95 -14.42
C GLU A 86 1.43 30.51 -13.77
N GLU A 87 0.43 30.86 -14.56
CA GLU A 87 -0.74 31.57 -14.03
C GLU A 87 -1.89 30.61 -13.76
N ILE A 88 -1.71 29.80 -12.72
CA ILE A 88 -2.73 28.90 -12.20
C ILE A 88 -2.98 29.27 -10.75
N GLN A 89 -4.23 29.12 -10.29
CA GLN A 89 -4.64 29.62 -8.98
C GLN A 89 -5.24 28.53 -8.09
N ASP A 90 -4.75 27.29 -8.18
CA ASP A 90 -5.20 26.25 -7.28
C ASP A 90 -4.02 25.35 -6.92
N PRO A 91 -3.44 25.51 -5.73
CA PRO A 91 -2.23 24.74 -5.39
C PRO A 91 -2.42 23.24 -5.42
N ILE A 92 -3.61 22.75 -5.09
CA ILE A 92 -3.86 21.32 -5.11
C ILE A 92 -3.69 20.76 -6.53
N ILE A 93 -4.31 21.43 -7.52
CA ILE A 93 -4.16 21.00 -8.90
C ILE A 93 -2.72 21.18 -9.37
N LYS A 94 -2.07 22.29 -9.00
CA LYS A 94 -0.68 22.46 -9.43
C LYS A 94 0.20 21.32 -8.94
N ARG A 95 0.09 20.95 -7.67
CA ARG A 95 0.88 19.83 -7.18
C ARG A 95 0.47 18.53 -7.88
N GLN A 96 -0.83 18.35 -8.12
CA GLN A 96 -1.29 17.11 -8.75
C GLN A 96 -0.69 16.92 -10.14
N LEU A 97 -0.58 18.00 -10.92
CA LEU A 97 0.03 17.80 -12.23
C LEU A 97 1.55 17.94 -12.20
N ARG A 98 2.11 18.47 -11.11
CA ARG A 98 3.56 18.63 -11.02
C ARG A 98 4.29 17.29 -11.10
N ALA A 99 3.73 16.25 -10.48
CA ALA A 99 4.42 14.97 -10.37
C ALA A 99 4.74 14.40 -11.75
N LEU A 100 3.77 14.40 -12.67
CA LEU A 100 4.01 13.97 -14.02
C LEU A 100 4.44 15.10 -14.94
N GLN A 101 4.46 16.34 -14.45
CA GLN A 101 5.05 17.46 -15.18
C GLN A 101 6.56 17.37 -15.22
N GLN A 102 7.18 17.02 -14.10
CA GLN A 102 8.64 16.98 -14.01
C GLN A 102 9.12 15.53 -13.98
N SER A 103 10.11 15.22 -14.82
CA SER A 103 10.74 13.91 -14.89
C SER A 103 12.08 14.10 -15.60
N GLY A 104 12.77 12.99 -15.88
CA GLY A 104 14.05 13.07 -16.54
C GLY A 104 14.80 11.76 -16.64
N SER A 105 16.12 11.81 -16.39
CA SER A 105 17.05 10.69 -16.40
C SER A 105 17.29 10.12 -17.79
N SER A 106 16.97 10.87 -18.86
CA SER A 106 17.21 10.41 -20.22
C SER A 106 17.74 11.53 -21.11
N VAL A 107 18.52 12.46 -20.57
CA VAL A 107 18.99 13.61 -21.32
C VAL A 107 20.51 13.57 -21.46
N LEU A 108 21.19 13.04 -20.47
CA LEU A 108 22.65 13.13 -20.42
C LEU A 108 23.30 12.21 -21.45
N SER A 109 24.58 12.48 -21.71
CA SER A 109 25.34 11.68 -22.66
C SER A 109 25.56 10.27 -22.13
N ALA A 110 25.49 9.30 -23.05
CA ALA A 110 25.60 7.90 -22.65
C ALA A 110 26.97 7.58 -22.08
N ASP A 111 28.03 8.10 -22.69
CA ASP A 111 29.38 7.71 -22.30
C ASP A 111 29.68 8.04 -20.84
N LYS A 112 29.05 9.06 -20.28
CA LYS A 112 29.26 9.42 -18.89
C LYS A 112 28.11 9.02 -17.97
N ARG A 113 26.89 8.94 -18.48
CA ARG A 113 25.77 8.48 -17.66
C ARG A 113 25.80 6.96 -17.47
N GLU A 114 26.53 6.24 -18.31
CA GLU A 114 26.59 4.78 -18.18
C GLU A 114 27.27 4.36 -16.89
N ARG A 115 28.32 5.08 -16.48
CA ARG A 115 28.96 4.77 -15.21
C ARG A 115 28.00 4.95 -14.04
N LEU A 116 27.21 6.02 -14.07
CA LEU A 116 26.25 6.27 -13.00
C LEU A 116 25.19 5.18 -12.95
N ASN A 117 24.55 4.89 -14.08
CA ASN A 117 23.53 3.84 -14.03
C ASN A 117 24.14 2.48 -13.74
N THR A 118 25.43 2.28 -14.05
CA THR A 118 26.09 1.03 -13.71
C THR A 118 26.25 0.89 -12.20
N ILE A 119 26.77 1.93 -11.54
CA ILE A 119 26.92 1.82 -10.09
C ILE A 119 25.56 1.72 -9.44
N LEU A 120 24.52 2.25 -10.07
CA LEU A 120 23.17 2.10 -9.51
C LEU A 120 22.65 0.67 -9.68
N ASN A 121 22.82 0.07 -10.86
CA ASN A 121 22.07 -1.14 -11.20
C ASN A 121 22.87 -2.44 -11.10
N ALA A 122 24.17 -2.44 -11.42
CA ALA A 122 24.92 -3.69 -11.51
C ALA A 122 25.00 -4.44 -10.18
N MET A 123 24.51 -3.84 -9.10
CA MET A 123 24.48 -4.53 -7.81
C MET A 123 23.61 -5.78 -7.88
N SER A 124 22.46 -5.70 -8.56
CA SER A 124 21.54 -6.82 -8.63
C SER A 124 22.16 -8.01 -9.34
N THR A 125 22.94 -7.77 -10.41
CA THR A 125 23.54 -8.86 -11.15
C THR A 125 24.52 -9.65 -10.29
N ILE A 126 25.43 -8.94 -9.61
CA ILE A 126 26.42 -9.63 -8.78
C ILE A 126 25.73 -10.32 -7.61
N TYR A 127 24.68 -9.72 -7.05
CA TYR A 127 23.93 -10.39 -6.01
C TYR A 127 23.21 -11.64 -6.50
N SER A 128 22.70 -11.63 -7.73
CA SER A 128 22.08 -12.83 -8.29
C SER A 128 23.08 -13.92 -8.59
N THR A 129 24.31 -13.56 -8.95
CA THR A 129 25.36 -14.55 -9.19
C THR A 129 26.26 -14.74 -7.97
N GLY A 130 25.85 -14.28 -6.79
CA GLY A 130 26.63 -14.47 -5.59
C GLY A 130 26.28 -15.73 -4.81
N LYS A 131 27.22 -16.18 -4.00
CA LYS A 131 27.04 -17.37 -3.18
C LYS A 131 28.03 -17.32 -2.03
N ALA A 132 27.60 -17.81 -0.87
CA ALA A 132 28.44 -17.92 0.31
C ALA A 132 28.35 -19.35 0.81
N CYS A 133 29.49 -19.92 1.20
CA CYS A 133 29.58 -21.36 1.38
C CYS A 133 30.50 -21.68 2.55
N ASN A 134 30.58 -22.97 2.86
CA ASN A 134 31.39 -23.44 3.96
C ASN A 134 32.88 -23.31 3.62
N PRO A 135 33.75 -23.20 4.64
CA PRO A 135 35.19 -23.11 4.38
C PRO A 135 35.76 -24.34 3.69
N ASN A 136 35.15 -25.51 3.85
CA ASN A 136 35.63 -26.74 3.21
C ASN A 136 34.70 -27.24 2.13
N ASN A 137 34.10 -26.34 1.35
CA ASN A 137 33.21 -26.68 0.25
C ASN A 137 33.71 -25.97 -1.00
N PRO A 138 34.66 -26.58 -1.71
CA PRO A 138 35.28 -25.91 -2.87
C PRO A 138 34.31 -25.59 -3.99
N GLN A 139 33.63 -26.60 -4.54
CA GLN A 139 32.70 -26.41 -5.65
C GLN A 139 31.25 -26.67 -5.24
N GLU A 140 30.95 -27.85 -4.72
CA GLU A 140 29.57 -28.23 -4.40
C GLU A 140 29.18 -27.59 -3.08
N CYS A 141 28.32 -26.58 -3.16
CA CYS A 141 27.88 -25.81 -2.01
C CYS A 141 26.67 -24.97 -2.36
N LEU A 142 26.00 -24.44 -1.34
CA LEU A 142 24.70 -23.79 -1.51
C LEU A 142 24.79 -22.30 -1.22
N LEU A 143 23.65 -21.61 -1.34
CA LEU A 143 23.61 -20.16 -1.23
C LEU A 143 23.83 -19.71 0.22
N LEU A 144 23.73 -18.39 0.42
CA LEU A 144 24.17 -17.77 1.67
C LEU A 144 23.28 -18.14 2.85
N GLU A 145 21.97 -18.04 2.69
CA GLU A 145 21.08 -18.03 3.85
C GLU A 145 21.09 -19.33 4.66
N PRO A 146 20.85 -20.52 4.09
CA PRO A 146 20.61 -21.70 4.94
C PRO A 146 21.81 -22.14 5.76
N GLY A 147 23.02 -21.70 5.42
CA GLY A 147 24.19 -22.22 6.11
C GLY A 147 24.43 -21.60 7.48
N LEU A 148 23.82 -20.44 7.75
CA LEU A 148 24.16 -19.67 8.93
C LEU A 148 22.97 -19.10 9.68
N ASP A 149 21.75 -19.19 9.15
CA ASP A 149 20.62 -18.54 9.80
C ASP A 149 19.96 -19.41 10.87
N ASP A 150 20.37 -20.67 10.99
CA ASP A 150 19.68 -21.60 11.89
C ASP A 150 20.47 -21.90 13.16
N ILE A 151 21.72 -21.42 13.23
CA ILE A 151 22.62 -21.85 14.30
C ILE A 151 22.10 -21.39 15.66
N MET A 152 21.73 -20.11 15.77
CA MET A 152 21.31 -19.58 17.07
C MET A 152 20.07 -20.26 17.61
N GLU A 153 19.11 -20.58 16.75
CA GLU A 153 17.87 -21.21 17.20
C GLU A 153 17.97 -22.73 17.33
N ASN A 154 18.98 -23.37 16.74
CA ASN A 154 19.07 -24.83 16.84
C ASN A 154 20.26 -25.31 17.67
N SER A 155 21.48 -24.93 17.32
CA SER A 155 22.67 -25.55 17.87
C SER A 155 23.61 -24.51 18.49
N LYS A 156 24.81 -24.97 18.83
CA LYS A 156 25.87 -24.13 19.39
C LYS A 156 27.17 -24.51 18.70
N ASP A 157 27.48 -23.82 17.62
CA ASP A 157 28.72 -24.02 16.87
C ASP A 157 29.36 -22.67 16.62
N TYR A 158 30.62 -22.52 17.03
CA TYR A 158 31.23 -21.19 17.04
C TYR A 158 31.87 -20.84 15.70
N ASN A 159 32.71 -21.71 15.15
CA ASN A 159 33.58 -21.32 14.04
C ASN A 159 32.77 -20.97 12.80
N GLU A 160 31.63 -21.63 12.60
CA GLU A 160 30.80 -21.34 11.43
C GLU A 160 30.32 -19.90 11.42
N ARG A 161 29.88 -19.39 12.57
CA ARG A 161 29.48 -18.00 12.68
C ARG A 161 30.68 -17.06 12.73
N LEU A 162 31.78 -17.51 13.35
CA LEU A 162 32.97 -16.66 13.45
C LEU A 162 33.55 -16.35 12.07
N TRP A 163 33.64 -17.35 11.20
CA TRP A 163 34.23 -17.15 9.88
C TRP A 163 33.34 -16.36 8.94
N ALA A 164 32.17 -15.92 9.40
CA ALA A 164 31.22 -15.27 8.49
C ALA A 164 31.79 -14.00 7.89
N TRP A 165 32.28 -13.07 8.71
CA TRP A 165 32.74 -11.81 8.17
C TRP A 165 34.04 -11.96 7.42
N GLU A 166 34.87 -12.94 7.78
CA GLU A 166 36.07 -13.19 7.00
C GLU A 166 35.74 -13.70 5.60
N GLY A 167 34.85 -14.69 5.50
CA GLY A 167 34.44 -15.16 4.18
C GLY A 167 33.77 -14.06 3.38
N TRP A 168 32.86 -13.32 4.01
CA TRP A 168 32.31 -12.11 3.42
C TRP A 168 33.39 -11.19 2.86
N ARG A 169 34.30 -10.70 3.69
CA ARG A 169 35.32 -9.76 3.26
C ARG A 169 36.32 -10.35 2.27
N SER A 170 36.39 -11.67 2.14
CA SER A 170 37.42 -12.32 1.33
C SER A 170 36.95 -12.88 -0.01
N GLU A 171 35.72 -13.40 -0.08
CA GLU A 171 35.22 -14.03 -1.29
C GLU A 171 33.74 -13.77 -1.58
N VAL A 172 33.06 -12.94 -0.78
CA VAL A 172 31.69 -12.54 -1.06
C VAL A 172 31.53 -11.03 -1.09
N GLY A 173 32.30 -10.31 -0.27
CA GLY A 173 32.20 -8.85 -0.26
C GLY A 173 33.24 -8.18 -1.15
N LYS A 174 34.16 -8.97 -1.71
CA LYS A 174 35.16 -8.40 -2.60
C LYS A 174 34.61 -8.06 -3.98
N GLN A 175 33.55 -8.73 -4.43
CA GLN A 175 32.97 -8.42 -5.73
C GLN A 175 31.89 -7.34 -5.65
N LEU A 176 31.90 -6.50 -4.61
CA LEU A 176 31.16 -5.25 -4.60
C LEU A 176 32.07 -4.06 -4.84
N ARG A 177 33.34 -4.30 -5.15
CA ARG A 177 34.30 -3.22 -5.38
C ARG A 177 34.18 -2.55 -6.74
N PRO A 178 33.92 -3.25 -7.85
CA PRO A 178 33.87 -2.55 -9.15
C PRO A 178 32.92 -1.36 -9.18
N LEU A 179 31.81 -1.43 -8.46
CA LEU A 179 30.98 -0.25 -8.27
C LEU A 179 31.46 0.60 -7.08
N TYR A 180 32.42 0.11 -6.31
CA TYR A 180 32.91 0.84 -5.14
C TYR A 180 33.96 1.89 -5.49
N GLU A 181 35.06 1.47 -6.14
CA GLU A 181 36.25 2.31 -6.14
C GLU A 181 36.00 3.67 -6.79
N GLU A 182 35.10 3.73 -7.77
CA GLU A 182 34.83 5.00 -8.45
C GLU A 182 33.91 5.88 -7.61
N TYR A 183 32.95 5.28 -6.91
CA TYR A 183 31.94 6.03 -6.17
C TYR A 183 32.60 6.96 -5.15
N VAL A 184 33.22 6.38 -4.12
CA VAL A 184 33.74 7.15 -3.00
C VAL A 184 34.86 8.08 -3.45
N ALA A 185 35.44 7.80 -4.62
CA ALA A 185 36.53 8.64 -5.11
C ALA A 185 36.05 9.86 -5.86
N LEU A 186 35.08 9.71 -6.77
CA LEU A 186 34.73 10.79 -7.68
C LEU A 186 33.26 11.18 -7.72
N LYS A 187 32.34 10.26 -7.40
CA LYS A 187 30.94 10.47 -7.76
C LYS A 187 30.30 11.60 -6.95
N ASN A 188 30.93 12.05 -5.86
CA ASN A 188 30.30 13.00 -4.96
C ASN A 188 29.95 14.30 -5.67
N GLU A 189 30.70 14.66 -6.71
CA GLU A 189 30.57 15.97 -7.34
C GLU A 189 29.93 15.92 -8.73
N MET A 190 30.03 14.78 -9.42
CA MET A 190 29.69 14.71 -10.83
C MET A 190 28.19 14.65 -11.10
N ALA A 191 27.34 14.92 -10.10
CA ALA A 191 25.91 15.01 -10.31
C ALA A 191 25.43 16.42 -10.62
N ARG A 192 26.30 17.26 -11.20
CA ARG A 192 25.97 18.67 -11.37
C ARG A 192 25.01 18.91 -12.53
N ALA A 193 24.88 17.95 -13.45
CA ALA A 193 24.00 18.09 -14.61
C ALA A 193 22.67 17.38 -14.43
N ASN A 194 22.12 17.36 -13.21
CA ASN A 194 20.91 16.61 -12.90
C ASN A 194 19.67 17.50 -12.82
N ASN A 195 19.78 18.74 -13.31
CA ASN A 195 18.70 19.72 -13.37
C ASN A 195 17.87 19.78 -12.10
N TYR A 196 18.52 19.62 -10.95
CA TYR A 196 17.88 19.74 -9.64
C TYR A 196 18.95 20.16 -8.65
N GLU A 197 18.55 20.36 -7.39
CA GLU A 197 19.53 20.67 -6.35
C GLU A 197 20.41 19.46 -6.06
N ASP A 198 19.80 18.29 -5.90
CA ASP A 198 20.52 17.04 -5.66
C ASP A 198 19.55 15.88 -5.79
N TYR A 199 20.05 14.68 -5.52
CA TYR A 199 19.23 13.48 -5.54
C TYR A 199 19.15 12.78 -4.19
N GLY A 200 20.00 13.16 -3.24
CA GLY A 200 19.85 12.65 -1.89
C GLY A 200 18.59 13.19 -1.22
N ASP A 201 18.21 14.42 -1.56
CA ASP A 201 16.94 14.96 -1.10
C ASP A 201 15.76 14.10 -1.53
N TYR A 202 15.86 13.42 -2.67
CA TYR A 202 14.79 12.53 -3.10
C TYR A 202 14.97 11.10 -2.62
N TRP A 203 16.21 10.67 -2.38
CA TRP A 203 16.43 9.31 -1.87
C TRP A 203 16.12 9.18 -0.38
N ARG A 204 16.46 10.16 0.45
CA ARG A 204 16.14 10.15 1.87
C ARG A 204 15.52 11.46 2.33
N GLY A 205 14.96 12.25 1.42
CA GLY A 205 14.45 13.54 1.79
C GLY A 205 13.25 14.01 1.01
N ASP A 206 12.55 13.10 0.32
CA ASP A 206 11.39 13.55 -0.44
C ASP A 206 10.18 13.81 0.45
N TYR A 207 10.37 14.61 1.50
CA TYR A 207 9.30 15.08 2.38
C TYR A 207 9.41 16.57 2.64
N GLU A 208 10.55 17.18 2.35
CA GLU A 208 10.75 18.61 2.50
C GLU A 208 9.98 19.33 1.39
N GLU A 209 8.76 19.73 1.70
CA GLU A 209 7.93 20.48 0.77
C GLU A 209 7.24 21.60 1.53
N GLU A 210 7.20 22.77 0.92
CA GLU A 210 6.64 23.97 1.55
C GLU A 210 5.55 24.52 0.64
N TRP A 211 4.42 24.92 1.25
CA TRP A 211 3.27 25.34 0.46
C TRP A 211 2.49 26.40 1.25
N ALA A 212 1.20 26.51 0.93
CA ALA A 212 0.32 27.60 1.31
C ALA A 212 -0.94 27.07 1.99
N ASP A 213 -1.96 27.92 2.04
CA ASP A 213 -3.37 27.78 2.42
C ASP A 213 -3.55 27.60 3.93
N GLY A 214 -2.74 28.31 4.72
CA GLY A 214 -2.99 28.40 6.13
C GLY A 214 -1.80 28.04 7.00
N TYR A 215 -1.01 27.06 6.56
CA TYR A 215 0.13 26.57 7.32
C TYR A 215 1.26 26.25 6.35
N ASN A 216 2.49 26.58 6.74
CA ASN A 216 3.68 26.11 6.04
C ASN A 216 4.35 25.04 6.90
N TYR A 217 4.66 23.90 6.29
CA TYR A 217 5.00 22.68 7.03
C TYR A 217 6.44 22.28 6.75
N SER A 218 7.09 21.67 7.76
CA SER A 218 8.49 21.28 7.66
C SER A 218 8.68 19.82 8.04
N ARG A 219 9.93 19.34 8.02
CA ARG A 219 10.24 17.94 8.25
C ARG A 219 11.34 17.69 9.27
N ASN A 220 12.22 18.67 9.50
CA ASN A 220 13.41 18.44 10.32
C ASN A 220 13.05 18.24 11.80
N GLN A 221 11.82 18.58 12.19
CA GLN A 221 11.36 18.31 13.54
C GLN A 221 11.12 16.83 13.79
N LEU A 222 11.01 16.03 12.74
CA LEU A 222 10.85 14.59 12.88
C LEU A 222 12.18 13.87 13.07
N ILE A 223 13.29 14.57 12.93
CA ILE A 223 14.61 13.98 13.13
C ILE A 223 15.36 14.62 14.29
N GLU A 224 15.30 15.94 14.46
CA GLU A 224 16.12 16.59 15.49
C GLU A 224 15.65 16.35 16.92
N ASP A 225 14.50 15.71 17.13
CA ASP A 225 14.03 15.50 18.50
C ASP A 225 14.50 14.17 19.11
N VAL A 226 15.66 13.64 18.76
CA VAL A 226 16.09 12.34 19.31
C VAL A 226 16.14 12.40 20.84
N GLU A 227 16.92 13.34 21.38
CA GLU A 227 17.02 13.45 22.84
C GLU A 227 15.66 13.77 23.45
N HIS A 228 14.91 14.68 22.83
CA HIS A 228 13.63 15.10 23.38
C HIS A 228 12.67 13.91 23.53
N THR A 229 12.59 13.06 22.52
CA THR A 229 11.59 11.99 22.55
C THR A 229 12.13 10.68 23.11
N PHE A 230 13.44 10.54 23.33
CA PHE A 230 13.93 9.34 24.02
C PHE A 230 14.87 9.64 25.18
N THR A 231 14.65 10.72 25.93
CA THR A 231 15.27 10.81 27.25
C THR A 231 14.86 9.64 28.14
N GLN A 232 13.70 9.04 27.86
CA GLN A 232 13.18 7.93 28.65
C GLN A 232 13.71 6.58 28.20
N ILE A 233 14.39 6.50 27.05
CA ILE A 233 14.90 5.25 26.53
C ILE A 233 16.41 5.29 26.30
N LYS A 234 17.03 6.47 26.43
CA LYS A 234 18.45 6.58 26.16
C LYS A 234 19.31 5.77 27.14
N PRO A 235 19.11 5.82 28.47
CA PRO A 235 19.96 4.99 29.36
C PRO A 235 19.47 3.56 29.48
N LEU A 236 19.09 2.94 28.37
CA LEU A 236 18.59 1.56 28.37
C LEU A 236 19.68 0.54 28.15
N TYR A 237 20.67 0.85 27.32
CA TYR A 237 21.84 -0.02 27.23
C TYR A 237 22.62 -0.03 28.54
N GLU A 238 22.62 1.11 29.23
CA GLU A 238 23.41 1.25 30.45
C GLU A 238 22.84 0.41 31.58
N HIS A 239 21.58 0.00 31.46
CA HIS A 239 21.02 -0.93 32.43
C HIS A 239 21.03 -2.36 31.90
N LEU A 240 20.84 -2.53 30.59
CA LEU A 240 20.86 -3.86 30.02
C LEU A 240 22.22 -4.51 30.17
N HIS A 241 23.29 -3.70 30.20
CA HIS A 241 24.64 -4.25 30.35
C HIS A 241 24.79 -5.03 31.66
N ALA A 242 23.94 -4.75 32.64
CA ALA A 242 23.93 -5.54 33.86
C ALA A 242 22.72 -6.48 33.92
N TYR A 243 21.63 -6.12 33.22
CA TYR A 243 20.47 -6.99 33.23
C TYR A 243 20.76 -8.29 32.49
N VAL A 244 21.78 -8.31 31.63
CA VAL A 244 22.22 -9.56 31.03
C VAL A 244 22.66 -10.54 32.12
N ARG A 245 23.54 -10.11 33.02
CA ARG A 245 23.92 -10.98 34.13
C ARG A 245 22.76 -11.20 35.09
N ALA A 246 21.84 -10.23 35.17
CA ALA A 246 20.69 -10.37 36.06
C ALA A 246 19.80 -11.53 35.64
N LYS A 247 19.45 -11.62 34.35
CA LYS A 247 18.46 -12.60 33.91
C LYS A 247 18.83 -13.43 32.68
N LEU A 248 19.65 -12.91 31.76
CA LEU A 248 19.89 -13.56 30.48
C LEU A 248 21.15 -14.43 30.49
N MET A 249 21.59 -14.90 31.66
CA MET A 249 22.83 -15.67 31.75
C MET A 249 22.82 -16.93 30.90
N ASP A 250 21.65 -17.56 30.69
CA ASP A 250 21.58 -18.85 30.04
C ASP A 250 21.94 -18.79 28.55
N ALA A 251 22.31 -17.62 28.03
CA ALA A 251 22.52 -17.45 26.61
C ALA A 251 23.76 -18.19 26.10
N TYR A 252 24.94 -17.83 26.62
CA TYR A 252 26.19 -18.40 26.10
C TYR A 252 27.36 -18.18 27.05
N PRO A 253 27.74 -19.17 27.86
CA PRO A 253 28.94 -19.02 28.68
C PRO A 253 30.20 -19.56 28.00
N SER A 254 31.32 -19.50 28.72
CA SER A 254 32.63 -20.09 28.39
C SER A 254 33.39 -19.36 27.29
N ARG A 255 32.83 -18.32 26.67
CA ARG A 255 33.61 -17.49 25.75
C ARG A 255 33.27 -16.01 25.84
N ILE A 256 32.08 -15.64 26.31
CA ILE A 256 31.62 -14.26 26.28
C ILE A 256 31.96 -13.61 27.61
N SER A 257 32.49 -12.39 27.55
CA SER A 257 32.98 -11.72 28.73
C SER A 257 31.86 -11.53 29.75
N PRO A 258 32.03 -12.00 30.98
CA PRO A 258 30.95 -11.82 31.98
C PRO A 258 30.75 -10.36 32.39
N THR A 259 31.84 -9.67 32.75
CA THR A 259 31.75 -8.29 33.20
C THR A 259 32.38 -7.29 32.24
N GLY A 260 32.93 -7.75 31.12
CA GLY A 260 33.60 -6.87 30.19
C GLY A 260 32.66 -6.14 29.26
N CYS A 261 33.05 -6.03 27.99
CA CYS A 261 32.28 -5.28 27.01
C CYS A 261 31.24 -6.20 26.35
N LEU A 262 30.24 -5.62 25.70
CA LEU A 262 29.42 -6.47 24.86
C LEU A 262 30.20 -6.86 23.61
N PRO A 263 30.12 -8.12 23.19
CA PRO A 263 30.96 -8.59 22.08
C PRO A 263 30.56 -7.92 20.77
N ALA A 264 31.53 -7.82 19.86
CA ALA A 264 31.28 -7.28 18.54
C ALA A 264 31.83 -8.14 17.41
N HIS A 265 32.59 -9.20 17.73
CA HIS A 265 32.96 -10.20 16.74
C HIS A 265 31.92 -11.31 16.64
N LEU A 266 30.88 -11.24 17.46
CA LEU A 266 29.71 -12.12 17.41
C LEU A 266 28.44 -11.30 17.51
N LEU A 267 28.36 -10.25 16.69
CA LEU A 267 27.22 -9.33 16.75
C LEU A 267 25.90 -10.06 16.51
N GLY A 268 25.88 -10.99 15.57
CA GLY A 268 24.71 -11.82 15.38
C GLY A 268 24.29 -12.02 13.94
N ASP A 269 24.58 -11.03 13.09
CA ASP A 269 24.17 -11.10 11.69
C ASP A 269 25.19 -10.36 10.85
N MET A 270 24.93 -10.35 9.54
CA MET A 270 25.97 -9.94 8.60
C MET A 270 25.90 -8.46 8.27
N TRP A 271 24.70 -7.88 8.28
CA TRP A 271 24.51 -6.50 7.84
C TRP A 271 23.79 -5.65 8.89
N GLY A 272 23.57 -6.17 10.09
CA GLY A 272 22.99 -5.38 11.16
C GLY A 272 21.59 -4.89 10.89
N ARG A 273 20.64 -5.81 10.80
CA ARG A 273 19.25 -5.46 10.53
C ARG A 273 18.43 -5.30 11.81
N PHE A 274 18.28 -6.37 12.57
CA PHE A 274 17.45 -6.38 13.75
C PHE A 274 18.25 -6.86 14.95
N TRP A 275 17.62 -6.78 16.13
CA TRP A 275 18.26 -7.11 17.39
C TRP A 275 17.45 -8.15 18.17
N THR A 276 16.65 -8.94 17.45
CA THR A 276 15.75 -9.90 18.07
C THR A 276 16.36 -11.30 18.21
N ASN A 277 17.61 -11.49 17.80
CA ASN A 277 18.25 -12.80 17.82
C ASN A 277 19.07 -13.04 19.07
N LEU A 278 18.95 -12.18 20.09
CA LEU A 278 19.73 -12.30 21.30
C LEU A 278 18.92 -12.18 22.58
N TYR A 279 17.68 -11.73 22.51
CA TYR A 279 16.84 -11.54 23.70
C TYR A 279 16.30 -12.84 24.28
N PRO A 280 15.58 -13.69 23.51
CA PRO A 280 14.84 -14.77 24.18
C PRO A 280 15.75 -15.89 24.66
N LEU A 281 16.51 -15.61 25.73
CA LEU A 281 17.37 -16.62 26.33
C LEU A 281 17.30 -16.59 27.86
N MET A 282 16.14 -16.30 28.44
CA MET A 282 15.92 -16.41 29.88
C MET A 282 14.85 -17.46 30.13
N VAL A 283 15.26 -18.59 30.70
CA VAL A 283 14.31 -19.68 30.92
C VAL A 283 14.42 -20.17 32.37
N PRO A 284 13.46 -19.85 33.23
CA PRO A 284 13.47 -20.38 34.61
C PRO A 284 12.64 -21.63 34.84
N PHE A 285 11.79 -22.02 33.88
CA PHE A 285 10.94 -23.20 34.02
C PHE A 285 10.77 -23.84 32.65
N GLY A 286 10.40 -25.12 32.64
CA GLY A 286 10.33 -25.87 31.41
C GLY A 286 8.98 -26.47 31.08
N GLN A 287 8.15 -26.72 32.09
CA GLN A 287 6.87 -27.38 31.92
C GLN A 287 5.75 -26.34 31.98
N LYS A 288 4.82 -26.42 31.02
CA LYS A 288 3.70 -25.49 30.95
C LYS A 288 2.62 -26.02 30.01
N PRO A 289 1.34 -25.93 30.39
CA PRO A 289 0.25 -26.18 29.43
C PRO A 289 -0.02 -24.95 28.58
N ASN A 290 0.88 -24.68 27.64
CA ASN A 290 0.80 -23.49 26.81
C ASN A 290 -0.25 -23.65 25.72
N ILE A 291 -0.46 -22.58 24.97
CA ILE A 291 -1.31 -22.61 23.79
C ILE A 291 -0.40 -22.62 22.56
N ASP A 292 -0.92 -23.19 21.47
CA ASP A 292 -0.13 -23.29 20.24
C ASP A 292 -1.08 -23.48 19.07
N VAL A 293 -0.73 -22.90 17.93
CA VAL A 293 -1.53 -23.06 16.72
C VAL A 293 -1.37 -24.43 16.08
N THR A 294 -0.31 -25.17 16.44
CA THR A 294 -0.07 -26.46 15.79
C THR A 294 -1.06 -27.52 16.26
N ASP A 295 -1.34 -27.58 17.55
CA ASP A 295 -2.19 -28.64 18.08
C ASP A 295 -3.39 -28.14 18.86
N ALA A 296 -3.23 -27.08 19.66
CA ALA A 296 -4.31 -26.56 20.49
C ALA A 296 -5.32 -25.73 19.72
N MET A 297 -5.32 -25.79 18.38
CA MET A 297 -6.20 -24.93 17.60
C MET A 297 -7.67 -25.25 17.85
N VAL A 298 -8.04 -26.53 17.74
CA VAL A 298 -9.47 -26.89 17.72
C VAL A 298 -9.94 -27.61 18.98
N ASN A 299 -9.08 -27.74 19.99
CA ASN A 299 -9.44 -28.54 21.17
C ASN A 299 -10.60 -27.92 21.95
N GLN A 300 -10.52 -26.62 22.22
CA GLN A 300 -11.48 -25.97 23.12
C GLN A 300 -12.52 -25.20 22.31
N SER A 301 -13.53 -25.95 21.84
CA SER A 301 -14.69 -25.42 21.13
C SER A 301 -14.27 -24.50 19.99
N TRP A 302 -13.41 -25.00 19.11
CA TRP A 302 -12.88 -24.23 18.01
C TRP A 302 -12.93 -25.05 16.73
N ASP A 303 -12.97 -24.34 15.61
CA ASP A 303 -12.95 -24.97 14.29
C ASP A 303 -12.17 -24.07 13.35
N ALA A 304 -11.49 -24.68 12.40
CA ALA A 304 -10.58 -23.97 11.51
C ALA A 304 -11.25 -23.43 10.25
N ARG A 305 -12.43 -23.95 9.88
CA ARG A 305 -13.08 -23.52 8.65
C ARG A 305 -13.71 -22.14 8.78
N ARG A 306 -14.36 -21.84 9.91
CA ARG A 306 -15.15 -20.62 10.04
C ARG A 306 -14.36 -19.46 10.64
N ILE A 307 -13.04 -19.57 10.74
CA ILE A 307 -12.25 -18.46 11.26
C ILE A 307 -12.35 -17.27 10.32
N PHE A 308 -12.40 -17.52 9.00
CA PHE A 308 -12.54 -16.43 8.04
C PHE A 308 -13.89 -15.74 8.17
N LYS A 309 -14.93 -16.50 8.50
CA LYS A 309 -16.26 -15.91 8.67
C LYS A 309 -16.36 -15.13 9.98
N GLU A 310 -15.77 -15.65 11.07
CA GLU A 310 -15.91 -14.94 12.34
C GLU A 310 -14.99 -13.74 12.45
N ALA A 311 -13.78 -13.80 11.89
CA ALA A 311 -12.91 -12.64 11.87
C ALA A 311 -13.46 -11.58 10.91
N GLU A 312 -14.39 -11.99 10.04
CA GLU A 312 -15.20 -11.02 9.33
C GLU A 312 -16.28 -10.45 10.25
N LYS A 313 -17.05 -11.34 10.90
CA LYS A 313 -18.16 -10.91 11.74
C LYS A 313 -17.75 -9.86 12.75
N PHE A 314 -16.59 -10.03 13.40
CA PHE A 314 -16.16 -9.09 14.42
C PHE A 314 -16.09 -7.64 13.93
N PHE A 315 -15.78 -7.43 12.65
CA PHE A 315 -15.68 -6.07 12.12
C PHE A 315 -16.74 -5.74 11.06
N VAL A 316 -17.63 -6.67 10.74
CA VAL A 316 -18.73 -6.43 9.82
C VAL A 316 -20.07 -6.30 10.54
N SER A 317 -20.22 -6.93 11.71
CA SER A 317 -21.46 -6.77 12.47
C SER A 317 -21.61 -5.37 13.07
N VAL A 318 -20.61 -4.50 12.90
CA VAL A 318 -20.65 -3.15 13.46
C VAL A 318 -21.44 -2.18 12.57
N GLY A 319 -22.09 -2.68 11.52
CA GLY A 319 -22.85 -1.83 10.63
C GLY A 319 -22.42 -1.89 9.17
N LEU A 320 -21.86 -3.03 8.77
CA LEU A 320 -21.31 -3.25 7.44
C LEU A 320 -21.90 -4.54 6.86
N PRO A 321 -22.10 -4.62 5.55
CA PRO A 321 -22.55 -5.88 4.94
C PRO A 321 -21.37 -6.75 4.52
N ASN A 322 -21.71 -7.98 4.15
CA ASN A 322 -20.73 -9.05 3.95
C ASN A 322 -20.30 -9.16 2.49
N MET A 323 -19.38 -10.09 2.24
CA MET A 323 -18.72 -10.24 0.94
C MET A 323 -19.45 -11.26 0.08
N THR A 324 -19.41 -11.04 -1.23
CA THR A 324 -20.02 -11.97 -2.17
C THR A 324 -19.13 -13.19 -2.39
N GLU A 325 -19.69 -14.20 -3.07
CA GLU A 325 -18.95 -15.42 -3.39
C GLU A 325 -17.87 -15.20 -4.45
N GLY A 326 -17.86 -14.04 -5.10
CA GLY A 326 -16.81 -13.78 -6.08
C GLY A 326 -15.43 -13.82 -5.48
N PHE A 327 -15.25 -13.13 -4.36
CA PHE A 327 -13.97 -13.18 -3.65
C PHE A 327 -13.67 -14.59 -3.17
N TRP A 328 -14.70 -15.32 -2.74
CA TRP A 328 -14.51 -16.69 -2.27
C TRP A 328 -13.94 -17.59 -3.37
N GLN A 329 -14.47 -17.48 -4.59
CA GLN A 329 -13.97 -18.35 -5.65
C GLN A 329 -12.69 -17.80 -6.26
N ASN A 330 -12.43 -16.50 -6.11
CA ASN A 330 -11.18 -15.91 -6.58
C ASN A 330 -10.01 -16.16 -5.63
N SER A 331 -10.26 -16.50 -4.37
CA SER A 331 -9.21 -16.77 -3.40
C SER A 331 -9.30 -18.25 -3.01
N MET A 332 -8.54 -19.09 -3.70
CA MET A 332 -8.57 -20.52 -3.48
C MET A 332 -7.67 -20.81 -2.29
N LEU A 333 -8.05 -21.75 -1.43
CA LEU A 333 -7.40 -21.99 -0.16
C LEU A 333 -6.44 -23.17 -0.18
N THR A 334 -5.71 -23.38 -1.28
CA THR A 334 -4.79 -24.49 -1.40
C THR A 334 -3.37 -23.99 -1.69
N GLU A 335 -2.39 -24.63 -1.06
CA GLU A 335 -0.99 -24.28 -1.29
C GLU A 335 -0.59 -24.65 -2.72
N PRO A 336 0.33 -23.93 -3.34
CA PRO A 336 0.84 -24.35 -4.66
C PRO A 336 1.47 -25.74 -4.60
N GLY A 337 2.51 -25.89 -3.78
CA GLY A 337 3.08 -27.19 -3.51
C GLY A 337 3.88 -27.82 -4.64
N ASP A 338 3.31 -27.87 -5.83
CA ASP A 338 3.88 -28.62 -6.94
C ASP A 338 4.90 -27.75 -7.69
N ASN A 339 5.30 -28.20 -8.87
CA ASN A 339 6.24 -27.43 -9.68
C ASN A 339 5.74 -26.02 -9.93
N ARG A 340 4.42 -25.85 -10.08
CA ARG A 340 3.84 -24.52 -10.04
C ARG A 340 3.89 -24.00 -8.61
N LYS A 341 4.52 -22.86 -8.43
CA LYS A 341 4.73 -22.30 -7.10
C LYS A 341 4.60 -20.79 -7.14
N VAL A 342 4.06 -20.22 -6.05
CA VAL A 342 4.03 -18.79 -5.85
C VAL A 342 4.72 -18.49 -4.52
N VAL A 343 5.02 -17.22 -4.30
CA VAL A 343 5.53 -16.80 -3.00
C VAL A 343 4.41 -16.98 -1.99
N CYS A 344 4.57 -17.94 -1.08
CA CYS A 344 3.50 -18.26 -0.13
C CYS A 344 3.16 -17.07 0.76
N HIS A 345 4.06 -16.10 0.87
CA HIS A 345 3.76 -14.85 1.53
C HIS A 345 2.63 -14.15 0.78
N PRO A 346 1.49 -13.88 1.41
CA PRO A 346 0.35 -13.30 0.68
C PRO A 346 0.51 -11.81 0.47
N THR A 347 0.09 -11.35 -0.71
CA THR A 347 0.17 -9.94 -1.08
C THR A 347 -1.23 -9.44 -1.42
N ALA A 348 -1.56 -8.25 -0.91
CA ALA A 348 -2.84 -7.61 -1.19
C ALA A 348 -2.79 -7.06 -2.61
N TRP A 349 -3.23 -7.86 -3.57
CA TRP A 349 -3.12 -7.47 -4.97
C TRP A 349 -4.00 -6.26 -5.27
N ASP A 350 -3.34 -5.18 -5.69
CA ASP A 350 -4.01 -3.94 -6.08
C ASP A 350 -4.34 -3.92 -7.58
N LEU A 351 -5.02 -4.99 -8.02
CA LEU A 351 -5.39 -5.12 -9.43
C LEU A 351 -6.21 -3.95 -9.93
N GLY A 352 -6.96 -3.28 -9.06
CA GLY A 352 -7.73 -2.12 -9.45
C GLY A 352 -8.99 -2.50 -10.21
N LYS A 353 -9.76 -1.47 -10.55
CA LYS A 353 -11.04 -1.65 -11.23
C LYS A 353 -11.94 -2.59 -10.41
N HIS A 354 -11.97 -2.32 -9.10
CA HIS A 354 -12.74 -3.08 -8.12
C HIS A 354 -12.35 -4.56 -8.09
N ASP A 355 -11.11 -4.87 -8.45
CA ASP A 355 -10.59 -6.23 -8.43
C ASP A 355 -9.61 -6.34 -7.27
N PHE A 356 -10.03 -7.01 -6.20
CA PHE A 356 -9.19 -7.19 -5.01
C PHE A 356 -9.09 -8.68 -4.73
N ARG A 357 -7.87 -9.19 -4.65
CA ARG A 357 -7.65 -10.62 -4.60
C ARG A 357 -6.42 -10.92 -3.75
N ILE A 358 -6.47 -12.06 -3.04
CA ILE A 358 -5.37 -12.52 -2.21
C ILE A 358 -5.17 -14.02 -2.43
N LYS A 359 -3.91 -14.43 -2.44
CA LYS A 359 -3.53 -15.83 -2.56
C LYS A 359 -2.74 -16.25 -1.34
N MET A 360 -2.98 -17.48 -0.89
CA MET A 360 -2.35 -18.00 0.32
C MET A 360 -2.18 -19.51 0.19
N CYS A 361 -1.62 -20.11 1.24
CA CYS A 361 -1.39 -21.55 1.30
C CYS A 361 -2.20 -22.13 2.45
N THR A 362 -2.63 -23.39 2.30
CA THR A 362 -3.43 -24.04 3.32
C THR A 362 -2.52 -24.52 4.45
N LYS A 363 -2.40 -23.70 5.50
CA LYS A 363 -1.59 -24.01 6.66
C LYS A 363 -1.97 -23.06 7.77
N VAL A 364 -2.20 -23.60 8.96
CA VAL A 364 -2.69 -22.81 10.09
C VAL A 364 -1.49 -22.44 10.97
N THR A 365 -1.28 -21.14 11.14
CA THR A 365 -0.23 -20.59 11.99
C THR A 365 -0.70 -19.23 12.48
N MET A 366 -0.08 -18.77 13.58
CA MET A 366 -0.44 -17.44 14.09
C MET A 366 0.08 -16.34 13.18
N ASP A 367 1.21 -16.58 12.49
CA ASP A 367 1.60 -15.71 11.39
C ASP A 367 0.52 -15.66 10.32
N ASP A 368 -0.04 -16.82 9.98
CA ASP A 368 -1.11 -16.86 8.97
C ASP A 368 -2.32 -16.07 9.43
N PHE A 369 -2.71 -16.23 10.70
CA PHE A 369 -3.86 -15.48 11.21
C PHE A 369 -3.62 -13.98 11.19
N LEU A 370 -2.45 -13.53 11.64
CA LEU A 370 -2.19 -12.09 11.66
C LEU A 370 -2.11 -11.53 10.24
N THR A 371 -1.47 -12.25 9.33
CA THR A 371 -1.37 -11.79 7.95
C THR A 371 -2.74 -11.75 7.30
N ALA A 372 -3.56 -12.77 7.54
CA ALA A 372 -4.92 -12.76 7.00
C ALA A 372 -5.74 -11.62 7.56
N HIS A 373 -5.57 -11.32 8.85
CA HIS A 373 -6.27 -10.18 9.45
C HIS A 373 -5.88 -8.88 8.77
N HIS A 374 -4.57 -8.68 8.55
CA HIS A 374 -4.11 -7.48 7.86
C HIS A 374 -4.66 -7.44 6.43
N GLU A 375 -4.70 -8.58 5.76
CA GLU A 375 -5.20 -8.62 4.38
C GLU A 375 -6.68 -8.26 4.30
N MET A 376 -7.50 -8.77 5.23
CA MET A 376 -8.91 -8.40 5.18
C MET A 376 -9.11 -6.95 5.61
N GLY A 377 -8.29 -6.44 6.53
CA GLY A 377 -8.33 -5.02 6.82
C GLY A 377 -8.04 -4.18 5.58
N HIS A 378 -7.04 -4.59 4.81
CA HIS A 378 -6.71 -3.89 3.56
C HIS A 378 -7.87 -3.96 2.57
N ILE A 379 -8.34 -5.18 2.29
CA ILE A 379 -9.39 -5.38 1.29
C ILE A 379 -10.72 -4.83 1.76
N GLN A 380 -10.84 -4.46 3.04
CA GLN A 380 -12.07 -3.84 3.49
C GLN A 380 -11.99 -2.32 3.52
N TYR A 381 -10.83 -1.76 3.88
CA TYR A 381 -10.75 -0.30 3.92
C TYR A 381 -10.51 0.27 2.52
N ASP A 382 -10.12 -0.57 1.57
CA ASP A 382 -9.70 -0.05 0.26
C ASP A 382 -10.85 0.63 -0.48
N MET A 383 -12.09 0.14 -0.32
CA MET A 383 -13.20 0.71 -1.07
C MET A 383 -13.73 2.03 -0.50
N ALA A 384 -13.17 2.50 0.62
CA ALA A 384 -13.60 3.78 1.15
C ALA A 384 -13.34 4.91 0.16
N TYR A 385 -12.20 4.85 -0.54
CA TYR A 385 -11.85 5.83 -1.56
C TYR A 385 -12.05 5.30 -2.97
N ALA A 386 -12.83 4.22 -3.12
CA ALA A 386 -13.00 3.60 -4.42
C ALA A 386 -13.71 4.52 -5.42
N ALA A 387 -14.44 5.52 -4.92
CA ALA A 387 -15.16 6.43 -5.80
C ALA A 387 -14.24 7.42 -6.51
N GLN A 388 -13.00 7.58 -6.06
CA GLN A 388 -12.11 8.56 -6.67
C GLN A 388 -11.48 8.03 -7.96
N PRO A 389 -11.28 8.90 -8.94
CA PRO A 389 -10.61 8.53 -10.16
C PRO A 389 -9.15 8.12 -9.95
N PHE A 390 -8.45 7.87 -11.05
CA PHE A 390 -7.15 7.20 -10.97
C PHE A 390 -6.14 7.95 -10.10
N LEU A 391 -6.14 9.28 -10.15
CA LEU A 391 -4.99 9.95 -9.56
C LEU A 391 -5.00 9.97 -8.03
N LEU A 392 -5.86 9.18 -7.38
CA LEU A 392 -5.96 9.17 -5.92
C LEU A 392 -6.04 7.75 -5.39
N ARG A 393 -5.49 6.78 -6.12
CA ARG A 393 -5.58 5.38 -5.72
C ARG A 393 -4.54 5.04 -4.66
N ASN A 394 -4.78 5.58 -3.46
CA ASN A 394 -4.08 5.18 -2.24
C ASN A 394 -4.72 5.90 -1.07
N GLY A 395 -4.45 5.42 0.13
CA GLY A 395 -4.95 6.05 1.33
C GLY A 395 -4.17 7.31 1.66
N ALA A 396 -4.23 7.69 2.94
CA ALA A 396 -3.47 8.86 3.39
C ALA A 396 -1.97 8.63 3.26
N ASN A 397 -1.51 7.43 3.59
CA ASN A 397 -0.09 7.11 3.53
C ASN A 397 0.07 5.60 3.41
N GLU A 398 0.88 5.17 2.43
CA GLU A 398 1.15 3.75 2.26
C GLU A 398 1.98 3.19 3.40
N GLY A 399 2.66 4.03 4.16
CA GLY A 399 3.39 3.56 5.32
C GLY A 399 2.48 2.91 6.34
N PHE A 400 1.30 3.49 6.55
CA PHE A 400 0.36 2.92 7.51
C PHE A 400 -0.24 1.61 7.00
N HIS A 401 -0.57 1.54 5.71
CA HIS A 401 -1.25 0.36 5.18
C HIS A 401 -0.42 -0.90 5.36
N GLU A 402 0.90 -0.75 5.50
CA GLU A 402 1.79 -1.89 5.75
C GLU A 402 2.46 -1.83 7.11
N ALA A 403 2.25 -0.77 7.89
CA ALA A 403 2.81 -0.70 9.23
C ALA A 403 1.81 -1.12 10.29
N VAL A 404 0.51 -0.93 10.05
CA VAL A 404 -0.50 -1.31 11.03
C VAL A 404 -0.69 -2.81 11.15
N GLY A 405 -0.04 -3.60 10.28
CA GLY A 405 -0.12 -5.04 10.44
C GLY A 405 0.37 -5.49 11.80
N GLU A 406 1.41 -4.83 12.31
CA GLU A 406 1.98 -5.22 13.60
C GLU A 406 1.00 -4.97 14.74
N ILE A 407 0.34 -3.81 14.77
CA ILE A 407 -0.54 -3.49 15.89
C ILE A 407 -1.84 -4.28 15.79
N MET A 408 -2.34 -4.53 14.57
CA MET A 408 -3.45 -5.48 14.46
C MET A 408 -3.09 -6.90 14.86
N SER A 409 -1.87 -7.37 14.56
CA SER A 409 -1.45 -8.68 15.08
C SER A 409 -1.39 -8.67 16.61
N LEU A 410 -0.90 -7.57 17.19
CA LEU A 410 -0.86 -7.44 18.64
C LEU A 410 -2.27 -7.48 19.24
N SER A 411 -3.22 -6.78 18.61
CA SER A 411 -4.60 -6.81 19.09
C SER A 411 -5.19 -8.20 18.95
N ALA A 412 -4.87 -8.90 17.86
CA ALA A 412 -5.37 -10.26 17.66
C ALA A 412 -4.84 -11.22 18.70
N ALA A 413 -3.56 -11.11 19.05
CA ALA A 413 -2.92 -12.04 20.00
C ALA A 413 -3.30 -11.64 21.42
N THR A 414 -4.57 -11.92 21.77
CA THR A 414 -5.15 -11.59 23.07
C THR A 414 -6.46 -12.36 23.14
N PRO A 415 -6.86 -12.85 24.33
CA PRO A 415 -8.03 -13.75 24.40
C PRO A 415 -9.40 -13.09 24.24
N ASN A 416 -9.48 -11.89 23.67
CA ASN A 416 -10.79 -11.33 23.35
C ASN A 416 -11.60 -12.26 22.48
N HIS A 417 -10.94 -13.06 21.63
CA HIS A 417 -11.64 -14.07 20.84
C HIS A 417 -12.33 -15.09 21.74
N LEU A 418 -11.59 -15.62 22.72
CA LEU A 418 -12.16 -16.59 23.65
C LEU A 418 -13.28 -15.97 24.46
N LYS A 419 -13.15 -14.69 24.80
CA LYS A 419 -14.21 -14.01 25.52
C LYS A 419 -15.44 -13.82 24.64
N ASN A 420 -15.23 -13.56 23.35
CA ASN A 420 -16.34 -13.29 22.45
C ASN A 420 -17.11 -14.56 22.09
N ILE A 421 -16.42 -15.70 22.00
CA ILE A 421 -17.12 -16.95 21.72
C ILE A 421 -17.83 -17.51 22.95
N GLY A 422 -17.36 -17.17 24.16
CA GLY A 422 -18.14 -17.42 25.36
C GLY A 422 -18.04 -18.81 25.94
N LEU A 423 -16.84 -19.38 26.07
CA LEU A 423 -16.69 -20.60 26.86
C LEU A 423 -15.72 -20.39 28.02
N LEU A 424 -14.56 -19.79 27.75
CA LEU A 424 -13.63 -19.43 28.81
C LEU A 424 -13.91 -17.98 29.20
N PRO A 425 -14.31 -17.71 30.44
CA PRO A 425 -14.69 -16.35 30.81
C PRO A 425 -13.48 -15.43 30.80
N PRO A 426 -13.68 -14.14 30.54
CA PRO A 426 -12.54 -13.21 30.47
C PRO A 426 -11.81 -13.04 31.79
N ASP A 427 -12.45 -13.36 32.93
CA ASP A 427 -11.77 -13.25 34.21
C ASP A 427 -10.71 -14.32 34.42
N PHE A 428 -10.62 -15.30 33.50
CA PHE A 428 -9.61 -16.34 33.58
C PHE A 428 -8.24 -15.83 33.11
N SER A 429 -7.78 -14.79 33.81
CA SER A 429 -6.48 -14.21 33.50
C SER A 429 -5.37 -15.22 33.79
N GLU A 430 -4.28 -15.12 33.03
CA GLU A 430 -3.17 -16.03 33.19
C GLU A 430 -2.63 -15.98 34.62
N ASP A 431 -2.35 -17.15 35.17
CA ASP A 431 -1.88 -17.27 36.55
C ASP A 431 -0.49 -16.65 36.68
N SER A 432 -0.16 -16.26 37.92
CA SER A 432 1.03 -15.44 38.17
C SER A 432 2.30 -16.09 37.61
N GLU A 433 2.53 -17.36 37.94
CA GLU A 433 3.74 -18.02 37.47
C GLU A 433 3.72 -18.35 35.99
N THR A 434 2.70 -17.94 35.24
CA THR A 434 2.66 -18.22 33.81
C THR A 434 3.00 -17.00 32.96
N ASP A 435 2.95 -15.80 33.54
CA ASP A 435 3.19 -14.59 32.75
C ASP A 435 4.67 -14.26 32.62
N ILE A 436 5.53 -14.90 33.40
CA ILE A 436 6.93 -14.48 33.48
C ILE A 436 7.78 -15.20 32.44
N ASN A 437 7.27 -16.30 31.88
CA ASN A 437 8.12 -17.17 31.09
C ASN A 437 8.37 -16.65 29.69
N PHE A 438 7.30 -16.49 28.90
CA PHE A 438 7.48 -16.38 27.45
C PHE A 438 6.82 -15.15 26.83
N LEU A 439 5.77 -14.61 27.47
CA LEU A 439 4.94 -13.64 26.77
C LEU A 439 4.97 -12.24 27.40
N LEU A 440 6.15 -11.77 27.82
CA LEU A 440 6.27 -10.40 28.31
C LEU A 440 7.53 -9.68 27.82
N LYS A 441 7.95 -9.94 26.58
CA LYS A 441 9.08 -9.24 25.98
C LYS A 441 8.62 -8.64 24.66
N GLN A 442 8.24 -7.37 24.71
CA GLN A 442 7.85 -6.64 23.51
C GLN A 442 8.26 -5.17 23.48
N ALA A 443 9.11 -4.71 24.39
CA ALA A 443 9.36 -3.29 24.55
C ALA A 443 10.27 -2.71 23.47
N LEU A 444 11.52 -3.19 23.38
CA LEU A 444 12.49 -2.57 22.47
C LEU A 444 12.65 -3.33 21.17
N THR A 445 11.79 -4.31 20.90
CA THR A 445 11.91 -5.09 19.67
C THR A 445 11.78 -4.20 18.44
N ILE A 446 11.04 -3.10 18.55
CA ILE A 446 10.86 -2.20 17.42
C ILE A 446 12.04 -1.24 17.30
N VAL A 447 12.48 -0.67 18.44
CA VAL A 447 13.44 0.43 18.43
C VAL A 447 14.88 -0.06 18.63
N GLY A 448 15.14 -1.36 18.59
CA GLY A 448 16.50 -1.83 18.73
C GLY A 448 17.37 -1.62 17.51
N THR A 449 16.79 -1.19 16.38
CA THR A 449 17.55 -0.96 15.15
C THR A 449 17.68 0.52 14.81
N LEU A 450 17.06 1.39 15.60
CA LEU A 450 17.06 2.83 15.30
C LEU A 450 18.45 3.47 15.35
N PRO A 451 19.27 3.26 16.39
CA PRO A 451 20.39 4.21 16.62
C PRO A 451 21.40 4.32 15.48
N PHE A 452 21.75 3.22 14.81
CA PHE A 452 22.89 3.29 13.90
C PHE A 452 22.54 3.84 12.52
N THR A 453 21.36 4.44 12.35
CA THR A 453 20.93 4.88 11.02
C THR A 453 21.11 6.38 10.78
N TYR A 454 21.44 7.16 11.80
CA TYR A 454 21.46 8.61 11.63
C TYR A 454 22.58 9.06 10.71
N MET A 455 23.80 8.58 10.94
CA MET A 455 24.89 9.00 10.07
C MET A 455 24.73 8.44 8.67
N LEU A 456 24.07 7.29 8.53
CA LEU A 456 23.76 6.78 7.19
C LEU A 456 22.77 7.69 6.48
N GLU A 457 21.76 8.19 7.21
CA GLU A 457 20.79 9.12 6.62
C GLU A 457 21.45 10.44 6.24
N LYS A 458 22.39 10.92 7.05
CA LYS A 458 23.04 12.21 6.80
C LYS A 458 24.33 12.09 6.02
N TRP A 459 24.72 10.88 5.60
CA TRP A 459 25.97 10.71 4.87
C TRP A 459 25.98 11.53 3.58
N ARG A 460 24.96 11.37 2.74
CA ARG A 460 24.89 12.21 1.56
C ARG A 460 24.58 13.66 1.92
N TRP A 461 23.78 13.86 2.98
CA TRP A 461 23.40 15.21 3.38
C TRP A 461 24.59 16.05 3.82
N MET A 462 25.72 15.42 4.16
CA MET A 462 26.91 16.22 4.42
C MET A 462 28.12 15.80 3.59
N VAL A 463 27.95 14.96 2.56
CA VAL A 463 28.99 14.84 1.54
C VAL A 463 28.59 15.47 0.22
N PHE A 464 27.38 16.01 0.12
CA PHE A 464 26.97 16.70 -1.12
C PHE A 464 27.80 17.95 -1.36
N LYS A 465 28.25 18.61 -0.29
CA LYS A 465 28.97 19.88 -0.41
C LYS A 465 30.28 19.76 -1.18
N GLY A 466 31.05 18.70 -0.95
CA GLY A 466 32.31 18.56 -1.63
C GLY A 466 33.46 19.31 -1.00
N GLU A 467 33.20 20.08 0.06
CA GLU A 467 34.26 20.73 0.82
C GLU A 467 34.84 19.83 1.89
N ILE A 468 34.24 18.66 2.12
CA ILE A 468 34.63 17.77 3.22
C ILE A 468 36.06 17.29 3.02
N PRO A 469 36.85 17.23 4.09
CA PRO A 469 38.19 16.66 3.99
C PRO A 469 38.14 15.15 4.23
N LYS A 470 39.31 14.51 4.12
CA LYS A 470 39.39 13.06 4.18
C LYS A 470 39.61 12.52 5.59
N GLU A 471 39.79 13.38 6.60
CA GLU A 471 39.97 12.88 7.95
C GLU A 471 38.66 12.30 8.50
N GLN A 472 37.53 12.78 7.98
CA GLN A 472 36.21 12.31 8.36
C GLN A 472 35.53 11.73 7.13
N TRP A 473 35.52 10.40 7.01
CA TRP A 473 34.75 9.73 5.98
C TRP A 473 33.44 9.16 6.52
N MET A 474 33.52 8.25 7.50
CA MET A 474 32.39 8.01 8.40
C MET A 474 32.86 7.68 9.82
N GLN A 475 33.97 8.28 10.25
CA GLN A 475 34.56 8.02 11.56
C GLN A 475 33.54 8.08 12.70
N LYS A 476 32.43 8.79 12.52
CA LYS A 476 31.46 8.99 13.59
C LYS A 476 30.87 7.69 14.12
N TRP A 477 30.96 6.60 13.36
CA TRP A 477 30.44 5.31 13.82
C TRP A 477 31.03 4.93 15.18
N TRP A 478 32.37 4.93 15.28
CA TRP A 478 33.01 4.41 16.48
C TRP A 478 32.70 5.27 17.70
N GLU A 479 32.69 6.59 17.51
CA GLU A 479 32.31 7.48 18.61
C GLU A 479 30.85 7.27 19.01
N MET A 480 29.96 6.98 18.06
CA MET A 480 28.58 6.73 18.45
C MET A 480 28.46 5.44 19.26
N LYS A 481 29.17 4.38 18.84
CA LYS A 481 29.14 3.16 19.65
C LYS A 481 29.68 3.42 21.04
N ARG A 482 30.86 4.06 21.14
CA ARG A 482 31.41 4.40 22.44
C ARG A 482 30.42 5.22 23.27
N ASP A 483 29.63 6.08 22.63
CA ASP A 483 28.68 6.92 23.32
C ASP A 483 27.48 6.17 23.87
N ILE A 484 26.82 5.33 23.10
CA ILE A 484 25.51 4.81 23.49
C ILE A 484 25.49 3.29 23.63
N VAL A 485 26.30 2.57 22.86
CA VAL A 485 26.14 1.14 22.69
C VAL A 485 27.31 0.36 23.30
N GLY A 486 28.53 0.67 22.91
CA GLY A 486 29.69 -0.03 23.43
C GLY A 486 30.14 -1.19 22.57
N VAL A 487 30.27 -0.96 21.27
CA VAL A 487 30.77 -1.94 20.32
C VAL A 487 32.28 -1.74 20.21
N VAL A 488 33.05 -2.80 20.46
CA VAL A 488 34.49 -2.76 20.37
C VAL A 488 34.90 -3.49 19.09
N GLU A 489 35.45 -2.77 18.13
CA GLU A 489 35.43 -3.22 16.74
C GLU A 489 36.45 -4.34 16.52
N PRO A 490 36.02 -5.52 16.06
CA PRO A 490 36.95 -6.52 15.52
C PRO A 490 37.53 -6.11 14.17
N LEU A 491 38.12 -7.07 13.45
CA LEU A 491 38.74 -6.85 12.14
C LEU A 491 37.91 -5.87 11.31
N PRO A 492 38.51 -4.74 10.91
CA PRO A 492 37.71 -3.56 10.56
C PRO A 492 37.02 -3.63 9.19
N HIS A 493 35.71 -3.43 9.20
CA HIS A 493 35.00 -2.92 8.03
C HIS A 493 34.81 -1.41 8.22
N ASP A 494 35.92 -0.71 8.02
CA ASP A 494 36.10 0.64 8.53
C ASP A 494 35.57 1.68 7.53
N GLU A 495 35.91 2.95 7.76
CA GLU A 495 35.41 4.04 6.92
C GLU A 495 35.88 3.88 5.48
N THR A 496 37.11 3.40 5.28
CA THR A 496 37.58 3.09 3.94
C THR A 496 36.66 2.07 3.26
N TYR A 497 36.13 1.13 4.03
CA TYR A 497 35.20 0.14 3.51
C TYR A 497 33.78 0.66 3.68
N CYS A 498 33.27 1.39 2.69
CA CYS A 498 31.98 2.06 2.81
C CYS A 498 30.86 1.01 2.76
N ASP A 499 30.59 0.42 3.92
CA ASP A 499 29.48 -0.52 4.03
C ASP A 499 28.12 0.11 3.69
N PRO A 500 27.79 1.34 4.10
CA PRO A 500 26.54 1.94 3.63
C PRO A 500 26.44 2.05 2.12
N ALA A 501 27.56 2.30 1.42
CA ALA A 501 27.53 2.33 -0.04
C ALA A 501 27.23 0.94 -0.62
N ALA A 502 27.50 -0.12 0.14
CA ALA A 502 27.25 -1.48 -0.29
C ALA A 502 25.96 -2.06 0.27
N LEU A 503 24.99 -1.22 0.61
CA LEU A 503 23.72 -1.70 1.13
C LEU A 503 23.00 -2.54 0.08
N PHE A 504 22.36 -3.62 0.53
CA PHE A 504 21.87 -4.64 -0.40
C PHE A 504 20.68 -4.15 -1.23
N HIS A 505 19.81 -3.34 -0.64
CA HIS A 505 18.59 -2.93 -1.33
C HIS A 505 18.77 -1.66 -2.17
N VAL A 506 19.99 -1.34 -2.59
CA VAL A 506 20.21 -0.11 -3.34
C VAL A 506 19.55 -0.19 -4.71
N ALA A 507 19.60 -1.34 -5.36
CA ALA A 507 19.07 -1.52 -6.70
C ALA A 507 17.61 -1.94 -6.72
N ASN A 508 17.02 -2.21 -5.57
CA ASN A 508 15.61 -2.61 -5.48
C ASN A 508 14.69 -1.42 -5.23
N ASP A 509 15.24 -0.20 -5.22
CA ASP A 509 14.48 1.06 -5.13
C ASP A 509 13.46 1.05 -4.00
N TYR A 510 13.73 0.30 -2.95
CA TYR A 510 12.96 0.42 -1.72
C TYR A 510 13.35 1.69 -0.97
N SER A 511 12.41 2.18 -0.18
CA SER A 511 12.57 3.46 0.50
C SER A 511 13.58 3.37 1.64
N PHE A 512 14.40 4.40 1.76
CA PHE A 512 15.23 4.69 2.93
C PHE A 512 15.13 6.16 3.29
N ILE A 513 13.89 6.66 3.36
CA ILE A 513 13.61 8.10 3.33
C ILE A 513 13.46 8.72 4.71
N ARG A 514 12.96 7.97 5.68
CA ARG A 514 12.70 8.54 7.00
C ARG A 514 13.59 7.95 8.10
N TYR A 515 13.48 6.65 8.39
CA TYR A 515 14.58 5.95 9.06
C TYR A 515 15.00 4.72 8.27
N TYR A 516 14.09 3.76 8.09
CA TYR A 516 14.17 2.74 7.05
C TYR A 516 12.97 2.80 6.12
N THR A 517 11.77 2.66 6.66
CA THR A 517 10.52 2.62 5.91
C THR A 517 9.37 2.64 6.92
N ARG A 518 8.34 3.43 6.63
CA ARG A 518 7.18 3.63 7.50
C ARG A 518 7.59 3.71 8.97
N THR A 519 8.48 4.67 9.27
CA THR A 519 9.08 4.78 10.59
C THR A 519 8.60 6.00 11.37
N ILE A 520 8.77 7.21 10.82
CA ILE A 520 8.51 8.40 11.63
C ILE A 520 7.08 8.90 11.48
N TYR A 521 6.34 8.43 10.48
CA TYR A 521 4.94 8.80 10.35
C TYR A 521 4.07 8.06 11.36
N GLN A 522 4.66 7.10 12.08
CA GLN A 522 3.96 6.32 13.09
C GLN A 522 4.03 7.01 14.45
N PHE A 523 4.65 8.19 14.50
CA PHE A 523 5.02 8.80 15.77
C PHE A 523 3.83 9.47 16.47
N GLN A 524 3.24 10.48 15.82
CA GLN A 524 2.25 11.32 16.48
C GLN A 524 0.81 10.87 16.27
N PHE A 525 0.56 9.88 15.40
CA PHE A 525 -0.82 9.52 15.12
C PHE A 525 -1.52 8.93 16.34
N GLN A 526 -0.82 8.09 17.11
CA GLN A 526 -1.44 7.42 18.24
C GLN A 526 -1.38 8.22 19.53
N GLU A 527 -1.29 9.56 19.45
CA GLU A 527 -1.40 10.36 20.66
C GLU A 527 -2.79 10.26 21.27
N ALA A 528 -3.80 9.90 20.48
CA ALA A 528 -5.16 9.81 20.97
C ALA A 528 -5.96 8.61 20.45
N LEU A 529 -5.31 7.57 19.94
CA LEU A 529 -6.03 6.42 19.38
C LEU A 529 -6.88 5.76 20.46
N CYS A 530 -6.25 5.19 21.48
CA CYS A 530 -7.01 4.61 22.58
C CYS A 530 -7.68 5.68 23.44
N GLN A 531 -7.24 6.94 23.35
CA GLN A 531 -7.97 8.01 24.00
C GLN A 531 -9.39 8.12 23.45
N ILE A 532 -9.53 8.07 22.13
CA ILE A 532 -10.85 8.02 21.51
C ILE A 532 -11.51 6.66 21.77
N ALA A 533 -10.73 5.58 21.72
CA ALA A 533 -11.26 4.23 22.00
C ALA A 533 -11.60 4.01 23.50
N LYS A 534 -11.48 5.10 24.25
CA LYS A 534 -12.00 5.27 25.62
C LYS A 534 -11.44 4.22 26.59
N HIS A 535 -10.12 4.29 26.78
CA HIS A 535 -9.47 3.81 27.99
C HIS A 535 -8.53 4.89 28.49
N GLU A 536 -8.49 5.09 29.81
CA GLU A 536 -7.62 6.09 30.39
C GLU A 536 -6.16 5.85 30.03
N GLY A 537 -5.76 4.59 29.90
CA GLY A 537 -4.38 4.25 29.67
C GLY A 537 -4.10 3.62 28.32
N PRO A 538 -3.57 2.40 28.34
CA PRO A 538 -3.05 1.78 27.11
C PRO A 538 -4.12 0.99 26.36
N LEU A 539 -3.70 0.37 25.27
CA LEU A 539 -4.56 -0.46 24.43
C LEU A 539 -5.09 -1.68 25.18
N TYR A 540 -4.43 -2.10 26.26
CA TYR A 540 -4.96 -3.14 27.11
C TYR A 540 -6.28 -2.70 27.73
N LYS A 541 -7.28 -3.57 27.62
CA LYS A 541 -8.65 -3.31 28.08
C LYS A 541 -9.32 -2.19 27.29
N CYS A 542 -8.61 -1.59 26.33
CA CYS A 542 -9.21 -0.67 25.38
C CYS A 542 -10.06 -1.46 24.40
N ASP A 543 -11.30 -1.05 24.23
CA ASP A 543 -12.30 -1.84 23.52
C ASP A 543 -12.23 -1.53 22.03
N ILE A 544 -12.24 -2.58 21.21
CA ILE A 544 -12.23 -2.44 19.76
C ILE A 544 -13.40 -3.22 19.17
N SER A 545 -13.90 -4.20 19.93
CA SER A 545 -14.94 -5.08 19.42
C SER A 545 -16.31 -4.66 19.92
N ASN A 546 -17.30 -4.76 19.03
CA ASN A 546 -18.71 -4.47 19.35
C ASN A 546 -18.93 -3.03 19.77
N SER A 547 -17.97 -2.15 19.48
CA SER A 547 -18.05 -0.75 19.89
C SER A 547 -18.67 0.09 18.78
N ARG A 548 -19.72 0.84 19.13
CA ARG A 548 -20.34 1.73 18.15
C ARG A 548 -19.42 2.88 17.79
N GLU A 549 -18.61 3.35 18.75
CA GLU A 549 -17.74 4.49 18.48
C GLU A 549 -16.59 4.12 17.56
N ALA A 550 -16.18 2.85 17.53
CA ALA A 550 -15.05 2.45 16.69
C ALA A 550 -15.36 2.63 15.21
N GLY A 551 -16.58 2.28 14.81
CA GLY A 551 -16.95 2.42 13.40
C GLY A 551 -16.89 3.84 12.92
N GLN A 552 -17.44 4.78 13.70
CA GLN A 552 -17.40 6.18 13.29
C GLN A 552 -16.06 6.83 13.63
N LYS A 553 -15.20 6.11 14.35
CA LYS A 553 -13.85 6.61 14.58
C LYS A 553 -12.90 6.21 13.46
N LEU A 554 -13.18 5.11 12.76
CA LEU A 554 -12.30 4.68 11.69
C LEU A 554 -12.94 4.73 10.31
N HIS A 555 -14.02 3.99 10.09
CA HIS A 555 -14.39 3.59 8.73
C HIS A 555 -14.81 4.79 7.87
N GLU A 556 -15.19 5.90 8.49
CA GLU A 556 -15.55 7.08 7.70
C GLU A 556 -14.35 8.00 7.46
N MET A 557 -13.37 8.00 8.37
CA MET A 557 -12.25 8.93 8.21
C MET A 557 -11.05 8.26 7.55
N LEU A 558 -11.11 6.95 7.32
CA LEU A 558 -10.01 6.28 6.65
C LEU A 558 -10.08 6.45 5.13
N SER A 559 -10.22 7.70 4.68
CA SER A 559 -10.28 8.00 3.25
C SER A 559 -10.01 9.50 3.10
N LEU A 560 -8.85 9.85 2.53
CA LEU A 560 -8.45 11.24 2.38
C LEU A 560 -8.37 11.67 0.92
N GLY A 561 -7.58 10.96 0.11
CA GLY A 561 -7.35 11.37 -1.26
C GLY A 561 -6.35 12.50 -1.36
N ARG A 562 -6.14 12.97 -2.58
CA ARG A 562 -5.25 14.09 -2.84
C ARG A 562 -5.94 15.44 -2.72
N SER A 563 -7.25 15.46 -2.47
CA SER A 563 -7.98 16.73 -2.41
C SER A 563 -7.55 17.57 -1.22
N LYS A 564 -7.15 16.95 -0.13
CA LYS A 564 -6.70 17.69 1.05
C LYS A 564 -5.33 17.22 1.49
N PRO A 565 -4.48 18.14 1.95
CA PRO A 565 -3.15 17.76 2.45
C PRO A 565 -3.26 16.70 3.56
N TRP A 566 -2.14 16.01 3.76
CA TRP A 566 -2.10 14.93 4.76
C TRP A 566 -2.14 15.47 6.19
N THR A 567 -1.78 16.74 6.40
CA THR A 567 -1.83 17.30 7.74
C THR A 567 -3.25 17.41 8.26
N PHE A 568 -4.22 17.67 7.38
CA PHE A 568 -5.62 17.70 7.81
C PHE A 568 -6.07 16.32 8.28
N ALA A 569 -5.72 15.27 7.55
CA ALA A 569 -6.07 13.91 7.97
C ALA A 569 -5.39 13.55 9.28
N LEU A 570 -4.13 13.97 9.45
CA LEU A 570 -3.44 13.76 10.71
C LEU A 570 -4.14 14.49 11.85
N GLU A 571 -4.50 15.75 11.62
CA GLU A 571 -5.08 16.58 12.66
C GLU A 571 -6.46 16.07 13.08
N ARG A 572 -7.29 15.67 12.12
CA ARG A 572 -8.64 15.24 12.44
C ARG A 572 -8.61 14.04 13.38
N VAL A 573 -7.48 13.32 13.43
CA VAL A 573 -7.29 12.24 14.38
C VAL A 573 -6.63 12.70 15.68
N VAL A 574 -5.61 13.54 15.62
CA VAL A 574 -4.73 13.78 16.78
C VAL A 574 -5.12 15.06 17.54
N GLY A 575 -5.43 16.14 16.82
CA GLY A 575 -5.70 17.42 17.42
C GLY A 575 -4.56 18.42 17.41
N ALA A 576 -3.41 18.07 16.82
CA ALA A 576 -2.27 18.97 16.82
C ALA A 576 -1.43 18.74 15.57
N LYS A 577 -0.90 19.84 15.03
CA LYS A 577 -0.06 19.81 13.85
C LYS A 577 1.36 19.31 14.15
N THR A 578 1.94 19.70 15.28
CA THR A 578 3.30 19.33 15.63
C THR A 578 3.36 17.86 16.03
N MET A 579 4.58 17.31 16.05
CA MET A 579 4.79 15.93 16.44
C MET A 579 5.22 15.88 17.89
N ASP A 580 4.66 14.91 18.61
CA ASP A 580 5.00 14.66 20.01
C ASP A 580 5.25 13.17 20.19
N VAL A 581 5.53 12.77 21.42
CA VAL A 581 5.85 11.37 21.74
C VAL A 581 4.97 10.83 22.86
N ARG A 582 3.79 11.42 23.08
CA ARG A 582 2.90 10.95 24.14
C ARG A 582 2.49 9.48 24.01
N PRO A 583 2.34 8.89 22.81
CA PRO A 583 2.07 7.44 22.75
C PRO A 583 3.12 6.60 23.45
N LEU A 584 4.33 7.11 23.64
CA LEU A 584 5.34 6.46 24.46
C LEU A 584 5.07 6.65 25.95
N LEU A 585 3.88 6.27 26.41
CA LEU A 585 3.44 6.49 27.78
C LEU A 585 3.63 5.25 28.65
N ASN A 586 3.05 5.26 29.85
CA ASN A 586 3.22 4.21 30.85
C ASN A 586 2.64 2.86 30.42
N TYR A 587 2.22 2.74 29.16
CA TYR A 587 1.89 1.43 28.61
C TYR A 587 3.05 0.46 28.83
N PHE A 588 4.28 0.93 28.67
CA PHE A 588 5.47 0.11 28.84
C PHE A 588 5.96 0.08 30.29
N GLU A 589 5.20 0.66 31.22
CA GLU A 589 5.62 0.73 32.62
C GLU A 589 5.79 -0.61 33.32
N PRO A 590 4.94 -1.63 33.11
CA PRO A 590 5.00 -2.81 34.00
C PRO A 590 6.35 -3.52 34.01
N LEU A 591 7.20 -3.34 33.01
CA LEU A 591 8.56 -3.84 33.09
C LEU A 591 9.60 -2.73 33.21
N PHE A 592 9.23 -1.50 32.87
CA PHE A 592 10.11 -0.37 33.16
C PHE A 592 10.30 -0.19 34.66
N THR A 593 9.26 -0.51 35.44
CA THR A 593 9.34 -0.54 36.90
C THR A 593 10.24 -1.66 37.41
N TRP A 594 10.55 -2.65 36.59
CA TRP A 594 11.57 -3.64 36.93
C TRP A 594 12.95 -3.23 36.45
N LEU A 595 13.00 -2.42 35.39
CA LEU A 595 14.25 -2.12 34.70
C LEU A 595 14.92 -0.85 35.19
N LYS A 596 14.25 0.31 35.09
CA LYS A 596 14.91 1.60 35.23
C LYS A 596 14.60 2.27 36.56
N GLU A 597 15.05 1.65 37.66
CA GLU A 597 15.27 2.42 38.89
C GLU A 597 16.63 2.20 39.54
N GLN A 598 17.19 1.00 39.53
CA GLN A 598 18.35 0.67 40.36
C GLN A 598 19.67 0.98 39.66
N ASN A 599 19.94 0.33 38.54
CA ASN A 599 21.29 0.37 37.97
C ASN A 599 21.59 1.72 37.34
N ARG A 600 22.22 2.60 38.12
CA ARG A 600 22.80 3.84 37.61
C ARG A 600 24.24 4.01 38.11
N ASN A 601 24.88 2.92 38.52
CA ASN A 601 26.17 2.95 39.18
C ASN A 601 27.18 1.98 38.58
N SER A 602 26.72 0.89 37.98
CA SER A 602 27.63 -0.16 37.51
C SER A 602 28.45 0.33 36.32
N PHE A 603 29.34 -0.53 35.86
CA PHE A 603 30.24 -0.22 34.75
C PHE A 603 29.63 -0.75 33.45
N VAL A 604 29.53 0.11 32.46
CA VAL A 604 28.85 -0.19 31.20
C VAL A 604 29.81 0.00 30.05
N GLY A 605 29.84 -0.97 29.14
CA GLY A 605 30.60 -0.85 27.91
C GLY A 605 32.08 -1.10 28.05
N TRP A 606 32.87 -0.05 27.89
CA TRP A 606 34.33 -0.15 27.83
C TRP A 606 34.89 -0.03 29.23
N ASN A 607 35.75 -0.99 29.60
CA ASN A 607 36.29 -1.05 30.95
C ASN A 607 37.80 -1.20 31.01
N THR A 608 38.50 -1.13 29.88
CA THR A 608 39.97 -1.19 29.83
C THR A 608 40.50 -2.45 30.49
N ASP A 609 39.96 -3.60 30.08
CA ASP A 609 40.43 -4.90 30.54
C ASP A 609 40.44 -5.93 29.42
N TRP A 610 40.21 -5.51 28.18
CA TRP A 610 40.16 -6.42 27.04
C TRP A 610 40.92 -5.78 25.89
N SER A 611 40.95 -6.47 24.76
CA SER A 611 41.66 -5.97 23.59
C SER A 611 40.74 -5.09 22.76
N PRO A 612 41.05 -3.80 22.58
CA PRO A 612 40.14 -2.93 21.81
C PRO A 612 40.19 -3.18 20.31
N TYR A 613 41.38 -3.34 19.75
CA TYR A 613 41.55 -3.48 18.31
C TYR A 613 41.04 -4.81 17.77
N ALA A 614 40.91 -5.83 18.60
CA ALA A 614 40.45 -7.14 18.14
C ALA A 614 39.01 -7.39 18.54
N LEU B 15 -52.61 -12.16 -25.75
CA LEU B 15 -53.27 -11.85 -27.01
C LEU B 15 -52.34 -11.11 -27.95
N CYS B 16 -51.11 -10.83 -27.49
CA CYS B 16 -50.13 -10.14 -28.31
C CYS B 16 -48.75 -10.33 -27.69
N PRO B 17 -47.69 -10.42 -28.50
CA PRO B 17 -46.34 -10.47 -27.92
C PRO B 17 -45.90 -9.09 -27.43
N PHE B 18 -45.34 -9.05 -26.22
CA PHE B 18 -44.99 -7.80 -25.56
C PHE B 18 -43.50 -7.65 -25.30
N GLY B 19 -42.88 -8.63 -24.65
CA GLY B 19 -41.53 -8.45 -24.13
C GLY B 19 -40.39 -8.87 -25.05
N GLU B 20 -40.18 -8.12 -26.13
CA GLU B 20 -39.04 -8.40 -27.00
C GLU B 20 -37.74 -7.87 -26.41
N VAL B 21 -37.78 -6.70 -25.77
CA VAL B 21 -36.55 -6.02 -25.36
C VAL B 21 -35.95 -6.57 -24.08
N PHE B 22 -36.74 -7.25 -23.24
CA PHE B 22 -36.19 -7.79 -22.00
C PHE B 22 -35.17 -8.89 -22.29
N ASN B 23 -35.51 -9.82 -23.17
CA ASN B 23 -34.57 -10.84 -23.64
C ASN B 23 -34.00 -10.43 -24.99
N ALA B 24 -33.09 -9.45 -24.94
CA ALA B 24 -32.46 -8.96 -26.15
C ALA B 24 -31.16 -9.71 -26.42
N THR B 25 -30.71 -9.63 -27.67
CA THR B 25 -29.49 -10.32 -28.07
C THR B 25 -28.25 -9.47 -27.78
N ARG B 26 -28.18 -8.28 -28.38
CA ARG B 26 -27.07 -7.37 -28.17
C ARG B 26 -27.61 -5.96 -27.95
N PHE B 27 -26.90 -5.20 -27.14
CA PHE B 27 -27.23 -3.80 -26.87
C PHE B 27 -26.29 -2.90 -27.66
N ALA B 28 -26.86 -1.90 -28.31
CA ALA B 28 -26.09 -1.01 -29.17
C ALA B 28 -25.20 -0.09 -28.34
N SER B 29 -24.50 0.81 -29.03
CA SER B 29 -23.64 1.76 -28.36
C SER B 29 -24.46 2.74 -27.52
N VAL B 30 -23.77 3.58 -26.76
CA VAL B 30 -24.42 4.54 -25.87
C VAL B 30 -24.83 5.76 -26.67
N TYR B 31 -24.57 5.75 -27.97
CA TYR B 31 -24.86 6.89 -28.82
C TYR B 31 -26.14 6.71 -29.62
N ALA B 32 -26.27 5.60 -30.33
CA ALA B 32 -27.43 5.35 -31.20
C ALA B 32 -28.57 4.79 -30.36
N TRP B 33 -29.53 5.65 -30.04
CA TRP B 33 -30.70 5.23 -29.30
C TRP B 33 -31.65 4.45 -30.20
N ASN B 34 -32.43 3.56 -29.60
CA ASN B 34 -33.39 2.72 -30.33
C ASN B 34 -34.79 2.99 -29.80
N ARG B 35 -35.66 3.48 -30.69
CA ARG B 35 -37.00 3.92 -30.32
C ARG B 35 -38.02 3.19 -31.18
N LYS B 36 -38.94 2.46 -30.54
CA LYS B 36 -39.95 1.68 -31.22
C LYS B 36 -41.34 2.20 -30.89
N ARG B 37 -42.26 2.09 -31.85
CA ARG B 37 -43.68 2.35 -31.63
C ARG B 37 -44.44 1.04 -31.72
N ILE B 38 -45.25 0.74 -30.70
CA ILE B 38 -46.14 -0.42 -30.70
C ILE B 38 -47.48 0.01 -30.13
N SER B 39 -48.39 -0.96 -30.02
CA SER B 39 -49.72 -0.67 -29.51
C SER B 39 -50.38 -1.95 -29.01
N ASN B 40 -51.37 -1.78 -28.13
CA ASN B 40 -52.31 -2.83 -27.73
C ASN B 40 -51.59 -4.05 -27.13
N CYS B 41 -50.67 -3.76 -26.21
CA CYS B 41 -49.97 -4.82 -25.50
C CYS B 41 -49.76 -4.40 -24.05
N VAL B 42 -49.69 -5.39 -23.17
CA VAL B 42 -49.51 -5.16 -21.73
C VAL B 42 -48.85 -6.38 -21.14
N ALA B 43 -48.22 -6.21 -19.98
CA ALA B 43 -47.55 -7.31 -19.29
C ALA B 43 -47.45 -6.96 -17.81
N ASP B 44 -46.89 -7.87 -17.02
CA ASP B 44 -46.75 -7.70 -15.59
C ASP B 44 -45.50 -8.43 -15.10
N TYR B 45 -44.98 -8.00 -13.96
CA TYR B 45 -43.82 -8.64 -13.35
C TYR B 45 -44.24 -9.91 -12.62
N SER B 55 -32.22 -7.18 -11.91
CA SER B 55 -31.96 -7.34 -10.49
C SER B 55 -32.68 -6.27 -9.68
N THR B 56 -32.74 -5.06 -10.22
CA THR B 56 -33.38 -3.93 -9.57
C THR B 56 -34.55 -3.41 -10.41
N PHE B 57 -35.57 -2.92 -9.71
CA PHE B 57 -36.75 -2.35 -10.34
C PHE B 57 -37.28 -1.23 -9.47
N LYS B 58 -37.64 -0.11 -10.09
CA LYS B 58 -38.10 1.06 -9.34
C LYS B 58 -38.77 2.01 -10.32
N CYS B 59 -40.04 2.34 -10.06
CA CYS B 59 -40.73 3.33 -10.87
C CYS B 59 -41.61 4.22 -10.00
N TYR B 60 -42.21 5.22 -10.66
CA TYR B 60 -42.89 6.34 -10.02
C TYR B 60 -44.40 6.29 -10.16
N GLY B 61 -44.91 6.04 -11.37
CA GLY B 61 -46.35 6.17 -11.58
C GLY B 61 -47.18 5.24 -10.73
N VAL B 62 -46.82 3.96 -10.69
CA VAL B 62 -47.65 2.94 -10.06
C VAL B 62 -46.80 1.70 -9.85
N SER B 63 -47.22 0.84 -8.92
CA SER B 63 -46.54 -0.42 -8.70
C SER B 63 -46.55 -1.26 -9.98
N PRO B 64 -45.42 -1.85 -10.37
CA PRO B 64 -45.39 -2.65 -11.61
C PRO B 64 -46.29 -3.87 -11.56
N THR B 65 -46.68 -4.32 -10.38
CA THR B 65 -47.55 -5.49 -10.27
C THR B 65 -49.02 -5.11 -10.25
N LYS B 66 -49.36 -3.90 -9.80
CA LYS B 66 -50.75 -3.46 -9.66
C LYS B 66 -51.13 -2.40 -10.70
N LEU B 67 -50.23 -2.14 -11.66
CA LEU B 67 -50.39 -1.07 -12.65
C LEU B 67 -51.67 -1.17 -13.49
N ASN B 68 -52.48 -2.21 -13.30
CA ASN B 68 -53.64 -2.41 -14.17
C ASN B 68 -54.71 -1.33 -14.01
N ASP B 69 -54.62 -0.47 -12.99
CA ASP B 69 -55.69 0.46 -12.67
C ASP B 69 -55.62 1.76 -13.46
N LEU B 70 -54.68 1.91 -14.40
CA LEU B 70 -54.51 3.16 -15.13
C LEU B 70 -54.50 2.90 -16.63
N CYS B 71 -54.67 3.97 -17.39
CA CYS B 71 -54.74 3.92 -18.85
C CYS B 71 -53.33 4.08 -19.42
N PHE B 72 -52.90 3.08 -20.20
CA PHE B 72 -51.64 3.12 -20.91
C PHE B 72 -51.88 3.63 -22.32
N THR B 73 -51.19 4.71 -22.70
CA THR B 73 -51.49 5.36 -23.97
C THR B 73 -50.34 5.26 -24.96
N ASN B 74 -49.16 5.79 -24.64
CA ASN B 74 -48.07 5.89 -25.60
C ASN B 74 -46.88 5.07 -25.13
N VAL B 75 -46.13 4.55 -26.10
CA VAL B 75 -44.93 3.76 -25.84
C VAL B 75 -43.73 4.46 -26.46
N TYR B 76 -42.72 4.72 -25.64
CA TYR B 76 -41.47 5.33 -26.06
C TYR B 76 -40.35 4.56 -25.39
N ALA B 77 -39.83 3.55 -26.07
CA ALA B 77 -38.87 2.61 -25.49
C ALA B 77 -37.46 2.94 -25.92
N ASP B 78 -36.50 2.71 -25.01
CA ASP B 78 -35.08 2.84 -25.32
C ASP B 78 -34.29 1.94 -24.38
N SER B 79 -33.04 1.70 -24.75
CA SER B 79 -32.13 0.91 -23.93
C SER B 79 -30.71 1.36 -24.23
N PHE B 80 -29.82 1.13 -23.28
CA PHE B 80 -28.43 1.54 -23.40
C PHE B 80 -27.57 0.63 -22.52
N VAL B 81 -26.26 0.91 -22.52
CA VAL B 81 -25.31 0.20 -21.67
C VAL B 81 -24.61 1.23 -20.81
N ILE B 82 -24.65 1.03 -19.49
CA ILE B 82 -24.08 1.98 -18.54
C ILE B 82 -23.28 1.21 -17.51
N ARG B 83 -22.12 1.75 -17.15
CA ARG B 83 -21.26 1.14 -16.14
C ARG B 83 -22.04 0.98 -14.84
N GLY B 84 -21.62 0.01 -14.02
CA GLY B 84 -22.50 -0.51 -12.99
C GLY B 84 -22.98 0.52 -11.98
N ASP B 85 -22.05 1.32 -11.45
CA ASP B 85 -22.39 2.17 -10.30
C ASP B 85 -23.19 3.41 -10.67
N GLU B 86 -22.99 3.97 -11.87
CA GLU B 86 -23.58 5.25 -12.24
C GLU B 86 -25.01 5.13 -12.74
N VAL B 87 -25.72 4.06 -12.38
CA VAL B 87 -27.15 3.96 -12.69
C VAL B 87 -27.96 5.04 -12.00
N ARG B 88 -27.45 5.63 -10.92
CA ARG B 88 -28.16 6.68 -10.20
C ARG B 88 -28.23 7.99 -10.98
N GLN B 89 -27.40 8.16 -12.01
CA GLN B 89 -27.38 9.42 -12.75
C GLN B 89 -28.48 9.52 -13.79
N ILE B 90 -29.18 8.43 -14.09
CA ILE B 90 -30.24 8.44 -15.09
C ILE B 90 -31.53 8.82 -14.37
N ALA B 91 -31.83 10.12 -14.33
CA ALA B 91 -33.05 10.63 -13.74
C ALA B 91 -33.22 12.08 -14.21
N PRO B 92 -34.45 12.59 -14.24
CA PRO B 92 -34.65 13.97 -14.67
C PRO B 92 -34.03 14.97 -13.71
N GLY B 93 -33.52 16.05 -14.28
CA GLY B 93 -32.97 17.14 -13.48
C GLY B 93 -31.78 16.75 -12.63
N GLN B 94 -30.90 15.89 -13.15
CA GLN B 94 -29.71 15.48 -12.43
C GLN B 94 -28.48 16.20 -12.99
N THR B 95 -27.31 15.81 -12.50
CA THR B 95 -26.04 16.35 -12.94
C THR B 95 -25.11 15.20 -13.28
N GLY B 96 -24.30 15.40 -14.33
CA GLY B 96 -23.36 14.37 -14.74
C GLY B 96 -22.91 14.51 -16.19
N LYS B 97 -21.68 14.09 -16.47
CA LYS B 97 -21.14 14.19 -17.82
C LYS B 97 -21.91 13.30 -18.79
N ILE B 98 -22.24 12.08 -18.37
CA ILE B 98 -22.95 11.15 -19.24
C ILE B 98 -24.35 11.69 -19.57
N ALA B 99 -25.05 12.22 -18.57
CA ALA B 99 -26.35 12.81 -18.81
C ALA B 99 -26.23 14.04 -19.71
N ASP B 100 -25.22 14.88 -19.47
CA ASP B 100 -25.06 16.09 -20.25
C ASP B 100 -24.79 15.79 -21.72
N TYR B 101 -24.03 14.73 -22.01
CA TYR B 101 -23.64 14.46 -23.39
C TYR B 101 -24.51 13.44 -24.11
N ASN B 102 -25.28 12.61 -23.40
CA ASN B 102 -26.08 11.60 -24.07
C ASN B 102 -27.58 11.81 -23.91
N TYR B 103 -28.09 11.86 -22.68
CA TYR B 103 -29.53 11.89 -22.48
C TYR B 103 -29.87 12.69 -21.22
N LYS B 104 -30.90 13.53 -21.33
CA LYS B 104 -31.48 14.24 -20.20
C LYS B 104 -33.00 14.12 -20.27
N LEU B 105 -33.64 14.38 -19.14
CA LEU B 105 -35.09 14.25 -19.02
C LEU B 105 -35.68 15.52 -18.44
N PRO B 106 -36.92 15.85 -18.80
CA PRO B 106 -37.51 17.14 -18.44
C PRO B 106 -38.21 17.12 -17.09
N ASP B 107 -38.83 18.26 -16.77
CA ASP B 107 -39.55 18.42 -15.51
C ASP B 107 -40.91 17.72 -15.53
N ASP B 108 -41.33 17.18 -16.67
CA ASP B 108 -42.58 16.46 -16.79
C ASP B 108 -42.39 14.95 -16.65
N PHE B 109 -41.50 14.55 -15.75
CA PHE B 109 -41.05 13.16 -15.65
C PHE B 109 -42.22 12.20 -15.43
N THR B 110 -42.30 11.18 -16.28
CA THR B 110 -43.29 10.12 -16.15
C THR B 110 -42.69 8.86 -16.76
N GLY B 111 -42.12 8.00 -15.92
CA GLY B 111 -41.45 6.81 -16.40
C GLY B 111 -40.56 6.23 -15.31
N CYS B 112 -39.62 5.37 -15.73
CA CYS B 112 -38.65 4.85 -14.79
C CYS B 112 -37.48 4.22 -15.54
N VAL B 113 -36.53 3.70 -14.76
CA VAL B 113 -35.30 3.09 -15.27
C VAL B 113 -35.18 1.69 -14.69
N ILE B 114 -34.92 0.73 -15.58
CA ILE B 114 -34.80 -0.68 -15.22
C ILE B 114 -33.44 -1.17 -15.69
N ALA B 115 -32.74 -1.92 -14.84
CA ALA B 115 -31.42 -2.43 -15.19
C ALA B 115 -31.18 -3.74 -14.47
N TRP B 116 -30.25 -4.53 -15.02
CA TRP B 116 -29.86 -5.81 -14.44
C TRP B 116 -28.43 -6.10 -14.84
N ASN B 117 -27.76 -6.94 -14.03
CA ASN B 117 -26.37 -7.27 -14.26
C ASN B 117 -26.25 -8.48 -15.17
N SER B 118 -25.45 -8.35 -16.22
CA SER B 118 -25.21 -9.42 -17.19
C SER B 118 -23.73 -9.53 -17.50
N ASN B 119 -22.89 -9.54 -16.46
CA ASN B 119 -21.45 -9.59 -16.67
C ASN B 119 -21.03 -10.87 -17.40
N ASN B 120 -21.46 -12.03 -16.89
CA ASN B 120 -21.08 -13.30 -17.49
C ASN B 120 -21.69 -13.49 -18.87
N LEU B 121 -22.71 -12.70 -19.22
CA LEU B 121 -23.37 -12.82 -20.51
C LEU B 121 -22.84 -11.83 -21.54
N ASP B 122 -22.22 -10.74 -21.09
CA ASP B 122 -21.81 -9.66 -21.98
C ASP B 122 -20.31 -9.41 -21.99
N SER B 123 -19.54 -10.05 -21.11
CA SER B 123 -18.10 -9.81 -21.01
C SER B 123 -17.35 -11.01 -21.57
N LYS B 124 -16.35 -10.75 -22.40
CA LYS B 124 -15.48 -11.77 -22.97
C LYS B 124 -14.08 -11.65 -22.37
N VAL B 125 -13.42 -12.79 -22.19
CA VAL B 125 -12.17 -12.85 -21.44
C VAL B 125 -11.11 -11.94 -22.06
N GLY B 126 -11.04 -11.88 -23.38
CA GLY B 126 -10.06 -11.02 -24.03
C GLY B 126 -10.26 -9.55 -23.75
N GLY B 127 -11.50 -9.10 -23.70
CA GLY B 127 -11.80 -7.71 -23.44
C GLY B 127 -12.55 -7.08 -24.61
N ASN B 128 -13.58 -6.31 -24.30
CA ASN B 128 -14.41 -5.65 -25.30
C ASN B 128 -14.16 -4.15 -25.24
N TYR B 129 -13.74 -3.57 -26.36
CA TYR B 129 -13.24 -2.19 -26.42
C TYR B 129 -13.90 -1.43 -27.56
N ASN B 130 -15.23 -1.50 -27.66
CA ASN B 130 -15.93 -0.89 -28.78
C ASN B 130 -17.04 0.04 -28.31
N TYR B 131 -16.73 0.92 -27.35
CA TYR B 131 -17.73 1.85 -26.85
C TYR B 131 -17.12 3.24 -26.73
N LEU B 132 -17.96 4.26 -26.63
CA LEU B 132 -17.54 5.65 -26.73
C LEU B 132 -18.24 6.51 -25.68
N PHE B 133 -17.76 7.75 -25.55
CA PHE B 133 -18.43 8.78 -24.78
C PHE B 133 -17.96 10.14 -25.29
N ARG B 134 -18.31 11.20 -24.58
CA ARG B 134 -17.97 12.56 -24.97
C ARG B 134 -17.35 13.29 -23.79
N LEU B 135 -16.49 14.26 -24.09
CA LEU B 135 -15.77 15.00 -23.06
C LEU B 135 -15.99 16.50 -23.13
N PHE B 136 -16.07 17.07 -24.32
CA PHE B 136 -16.17 18.52 -24.48
C PHE B 136 -17.45 18.89 -25.22
N ARG B 137 -17.89 20.13 -25.01
CA ARG B 137 -19.01 20.70 -25.73
C ARG B 137 -18.78 22.19 -25.91
N LYS B 138 -19.72 22.87 -26.57
CA LYS B 138 -19.61 24.29 -26.82
C LYS B 138 -20.80 25.11 -26.32
N SER B 139 -21.94 24.48 -26.04
CA SER B 139 -23.11 25.20 -25.55
C SER B 139 -24.03 24.21 -24.87
N ASN B 140 -25.18 24.71 -24.40
CA ASN B 140 -26.16 23.85 -23.75
C ASN B 140 -26.87 23.00 -24.80
N LEU B 141 -27.47 21.90 -24.34
CA LEU B 141 -28.13 20.94 -25.21
C LEU B 141 -29.56 20.72 -24.74
N LYS B 142 -30.50 20.78 -25.68
CA LYS B 142 -31.87 20.38 -25.43
C LYS B 142 -31.95 18.86 -25.35
N PRO B 143 -32.86 18.32 -24.55
CA PRO B 143 -32.95 16.85 -24.43
C PRO B 143 -33.21 16.18 -25.78
N PHE B 144 -32.64 14.98 -25.93
CA PHE B 144 -32.79 14.17 -27.14
C PHE B 144 -32.25 14.89 -28.37
N GLU B 145 -30.93 15.14 -28.34
CA GLU B 145 -30.25 15.84 -29.42
C GLU B 145 -28.97 15.08 -29.77
N ARG B 146 -28.57 15.18 -31.04
CA ARG B 146 -27.40 14.45 -31.54
C ARG B 146 -26.50 15.38 -32.35
N ASP B 147 -25.19 15.16 -32.24
CA ASP B 147 -24.20 15.80 -33.09
C ASP B 147 -23.25 14.73 -33.60
N ILE B 148 -23.29 14.47 -34.90
CA ILE B 148 -22.50 13.39 -35.49
C ILE B 148 -21.08 13.85 -35.82
N SER B 149 -20.85 15.15 -35.92
CA SER B 149 -19.54 15.66 -36.32
C SER B 149 -18.47 15.24 -35.33
N THR B 150 -17.34 14.76 -35.87
CA THR B 150 -16.19 14.33 -35.07
C THR B 150 -14.93 15.07 -35.49
N GLU B 151 -15.08 16.34 -35.88
CA GLU B 151 -13.94 17.15 -36.28
C GLU B 151 -13.05 17.45 -35.08
N ILE B 152 -11.75 17.61 -35.37
CA ILE B 152 -10.75 17.95 -34.36
C ILE B 152 -11.19 19.20 -33.60
N TYR B 153 -10.96 19.21 -32.29
CA TYR B 153 -11.45 20.25 -31.40
C TYR B 153 -10.42 21.35 -31.24
N GLN B 154 -10.79 22.57 -31.63
CA GLN B 154 -9.91 23.72 -31.59
C GLN B 154 -10.28 24.63 -30.42
N ALA B 155 -9.29 25.07 -29.66
CA ALA B 155 -9.47 26.15 -28.70
C ALA B 155 -8.37 27.19 -28.74
N GLY B 156 -7.26 26.95 -29.44
CA GLY B 156 -6.23 27.96 -29.60
C GLY B 156 -6.62 28.99 -30.65
N SER B 157 -6.00 30.17 -30.54
CA SER B 157 -6.30 31.24 -31.49
C SER B 157 -5.92 30.84 -32.91
N THR B 158 -4.76 30.23 -33.08
CA THR B 158 -4.39 29.71 -34.38
C THR B 158 -5.23 28.48 -34.70
N PRO B 159 -5.94 28.46 -35.83
CA PRO B 159 -6.81 27.31 -36.12
C PRO B 159 -6.00 26.06 -36.44
N CYS B 160 -6.32 24.97 -35.77
CA CYS B 160 -5.71 23.67 -36.08
C CYS B 160 -6.25 23.17 -37.41
N ASN B 161 -5.33 22.82 -38.33
CA ASN B 161 -5.70 22.23 -39.61
C ASN B 161 -5.58 20.71 -39.59
N GLY B 162 -5.81 20.09 -38.45
CA GLY B 162 -5.69 18.64 -38.33
C GLY B 162 -4.39 18.20 -37.71
N VAL B 163 -3.99 18.84 -36.60
CA VAL B 163 -2.77 18.50 -35.89
C VAL B 163 -3.16 17.93 -34.53
N GLU B 164 -2.78 16.68 -34.29
CA GLU B 164 -3.10 16.01 -33.03
C GLU B 164 -2.35 16.67 -31.88
N GLY B 165 -3.01 16.73 -30.72
CA GLY B 165 -2.41 17.36 -29.57
C GLY B 165 -2.53 18.87 -29.59
N PHE B 166 -1.87 19.50 -28.62
CA PHE B 166 -1.94 20.95 -28.43
C PHE B 166 -3.39 21.42 -28.33
N ASN B 167 -4.16 20.72 -27.48
CA ASN B 167 -5.56 21.02 -27.21
C ASN B 167 -6.44 20.60 -28.39
N CYS B 168 -5.81 20.16 -29.48
CA CYS B 168 -6.54 19.70 -30.66
C CYS B 168 -6.36 18.19 -30.77
N TYR B 169 -7.47 17.45 -30.60
CA TYR B 169 -7.41 15.99 -30.47
C TYR B 169 -8.66 15.40 -31.10
N PHE B 170 -8.95 14.15 -30.73
CA PHE B 170 -10.14 13.41 -31.14
C PHE B 170 -10.95 13.03 -29.91
N PRO B 171 -12.27 13.23 -29.92
CA PRO B 171 -13.04 13.17 -28.67
C PRO B 171 -13.27 11.78 -28.07
N LEU B 172 -13.58 10.80 -28.91
CA LEU B 172 -14.07 9.52 -28.41
C LEU B 172 -12.97 8.72 -27.72
N GLN B 173 -13.39 7.79 -26.87
CA GLN B 173 -12.47 6.96 -26.10
C GLN B 173 -13.19 5.66 -25.72
N SER B 174 -12.44 4.57 -25.68
CA SER B 174 -13.00 3.24 -25.44
C SER B 174 -13.28 3.03 -23.95
N TYR B 175 -13.79 1.84 -23.62
CA TYR B 175 -14.19 1.50 -22.26
C TYR B 175 -13.43 0.31 -21.69
N GLY B 176 -13.30 -0.78 -22.43
CA GLY B 176 -12.52 -1.92 -21.99
C GLY B 176 -13.10 -2.78 -20.88
N PHE B 177 -14.19 -3.49 -21.17
CA PHE B 177 -14.81 -4.40 -20.21
C PHE B 177 -14.22 -5.80 -20.31
N GLN B 178 -14.10 -6.47 -19.16
CA GLN B 178 -13.66 -7.85 -19.06
C GLN B 178 -14.51 -8.55 -18.00
N PRO B 179 -14.59 -9.88 -18.07
CA PRO B 179 -15.30 -10.62 -17.00
C PRO B 179 -14.57 -10.57 -15.67
N THR B 180 -13.26 -10.30 -15.68
CA THR B 180 -12.50 -10.18 -14.44
C THR B 180 -12.79 -8.90 -13.68
N ASN B 181 -13.50 -7.95 -14.29
CA ASN B 181 -13.70 -6.65 -13.67
C ASN B 181 -14.57 -6.77 -12.42
N GLY B 182 -14.49 -5.76 -11.57
CA GLY B 182 -15.17 -5.79 -10.29
C GLY B 182 -16.67 -5.67 -10.41
N VAL B 183 -17.34 -6.01 -9.31
CA VAL B 183 -18.80 -6.01 -9.28
C VAL B 183 -19.35 -4.60 -9.48
N GLY B 184 -18.74 -3.61 -8.83
CA GLY B 184 -19.20 -2.24 -9.00
C GLY B 184 -19.07 -1.75 -10.43
N TYR B 185 -18.00 -2.17 -11.11
CA TYR B 185 -17.75 -1.75 -12.49
C TYR B 185 -18.08 -2.84 -13.50
N GLN B 186 -18.77 -3.90 -13.09
CA GLN B 186 -19.20 -4.92 -14.03
C GLN B 186 -20.28 -4.36 -14.95
N PRO B 187 -20.35 -4.86 -16.19
CA PRO B 187 -21.34 -4.31 -17.14
C PRO B 187 -22.77 -4.60 -16.72
N TYR B 188 -23.65 -3.68 -17.07
CA TYR B 188 -25.09 -3.81 -16.84
C TYR B 188 -25.83 -3.50 -18.14
N ARG B 189 -27.03 -4.03 -18.25
CA ARG B 189 -27.93 -3.73 -19.36
C ARG B 189 -29.03 -2.81 -18.84
N VAL B 190 -29.21 -1.67 -19.51
CA VAL B 190 -30.07 -0.60 -19.03
C VAL B 190 -31.31 -0.53 -19.91
N VAL B 191 -32.48 -0.48 -19.27
CA VAL B 191 -33.76 -0.39 -19.95
C VAL B 191 -34.52 0.82 -19.41
N VAL B 192 -35.02 1.66 -20.31
CA VAL B 192 -35.79 2.84 -19.94
C VAL B 192 -37.06 2.86 -20.78
N LEU B 193 -38.21 2.99 -20.11
CA LEU B 193 -39.51 3.06 -20.77
C LEU B 193 -40.15 4.40 -20.45
N SER B 194 -40.58 5.11 -21.50
CA SER B 194 -41.31 6.35 -21.36
C SER B 194 -42.70 6.19 -21.96
N PHE B 195 -43.73 6.52 -21.20
CA PHE B 195 -45.11 6.47 -21.66
C PHE B 195 -45.71 7.88 -21.62
N GLU B 196 -45.85 8.50 -22.79
CA GLU B 196 -46.48 9.80 -22.87
C GLU B 196 -47.96 9.69 -22.53
N LEU B 197 -48.40 10.52 -21.59
CA LEU B 197 -49.79 10.48 -21.12
C LEU B 197 -50.70 11.27 -22.05
N LEU B 198 -50.56 11.02 -23.35
CA LEU B 198 -51.41 11.59 -24.37
C LEU B 198 -52.68 10.76 -24.49
N HIS B 199 -53.47 10.97 -25.54
CA HIS B 199 -54.75 10.32 -25.74
C HIS B 199 -54.64 9.11 -26.67
N ALA B 200 -53.53 8.38 -26.57
CA ALA B 200 -53.30 7.21 -27.39
C ALA B 200 -54.04 6.00 -26.79
N PRO B 201 -54.28 4.95 -27.56
CA PRO B 201 -55.19 3.89 -27.11
C PRO B 201 -54.64 3.04 -25.98
N ALA B 202 -55.56 2.43 -25.24
CA ALA B 202 -55.25 1.63 -24.05
C ALA B 202 -55.04 0.17 -24.41
N THR B 203 -54.67 -0.63 -23.40
CA THR B 203 -54.29 -2.03 -23.58
C THR B 203 -54.93 -2.92 -22.51
N VAL B 204 -56.10 -2.52 -21.99
CA VAL B 204 -56.79 -3.30 -20.96
C VAL B 204 -58.29 -3.17 -21.18
N CYS B 205 -58.99 -4.29 -21.16
CA CYS B 205 -60.44 -4.34 -21.32
C CYS B 205 -60.93 -5.72 -20.89
N GLY B 206 -62.24 -5.92 -20.97
CA GLY B 206 -62.84 -7.19 -20.62
C GLY B 206 -64.23 -7.34 -21.22
N PRO B 207 -65.04 -8.24 -20.66
CA PRO B 207 -66.39 -8.43 -21.18
C PRO B 207 -67.41 -7.49 -20.56
N LYS B 208 -68.14 -6.77 -21.41
CA LYS B 208 -69.19 -5.82 -21.00
C LYS B 208 -68.77 -4.93 -19.83
#